data_5HVU
#
_entry.id   5HVU
#
_cell.length_a   181.820
_cell.length_b   181.820
_cell.length_c   90.600
_cell.angle_alpha   90.000
_cell.angle_beta   90.000
_cell.angle_gamma   120.000
#
_symmetry.space_group_name_H-M   'P 31 2 1'
#
loop_
_entity.id
_entity.type
_entity.pdbx_description
1 polymer 'Rho-associated protein kinase 1'
2 non-polymer 2-{3-[3-(piperidin-4-yl)propoxy]phenyl}-N-[4-(pyridin-4-yl)-1,3-thiazol-2-yl]acetamide
3 water water
#
_entity_poly.entity_id   1
_entity_poly.type   'polypeptide(L)'
_entity_poly.pdbx_seq_one_letter_code
;GSLHMSFETRFEKMDNLLRDPKSEVNSDCLLDGLDALVYDLDFPALRKNKNIDNFLSRYKDTINKIRDLRMKAEDYEVVK
VIGRGAFGEVQLVRHKSTRKVYAMKLLSKFEMIKRSDSAFFWEERDIMAFANSPWVVQLFYAFQDDRYLYMVMEYMPGGD
LVNLMSNYDVPEKWARFYTAEVVLALDAIHSMGFIHRDVKPDNMLLDKSGHLKLADFGTCMKMNKEGMVRCDTAVGTPDY
ISPEVLKSQGGDGYYGRECDWWSVGVFLYEMLVGDTPFYADSLVGTYSKIMNHKNSLTFPDDNDISKEAKNLICAFLTDR
EVRLGRNGVEEIKRHLFFKNDQWAWETLRDTVAPVVPDLSSDIDTSNFDDLEEDKGEEETFPIPKAFVGNQLPFVGFTYY
SNRRYLSSANPNDNR
;
_entity_poly.pdbx_strand_id   A,B
#
# COMPACT_ATOMS: atom_id res chain seq x y z
N SER A 6 11.69 -15.72 15.43
CA SER A 6 12.93 -14.97 15.51
C SER A 6 12.70 -13.56 15.03
N PHE A 7 13.67 -12.68 15.25
CA PHE A 7 13.52 -11.29 14.82
C PHE A 7 13.84 -11.09 13.35
N GLU A 8 14.80 -11.85 12.84
CA GLU A 8 15.17 -11.72 11.44
C GLU A 8 14.13 -12.45 10.60
N THR A 9 13.79 -13.65 11.02
CA THR A 9 12.81 -14.43 10.30
C THR A 9 11.57 -13.58 10.09
N ARG A 10 10.97 -13.16 11.18
CA ARG A 10 9.76 -12.34 11.13
C ARG A 10 9.91 -11.21 10.13
N PHE A 11 11.09 -10.55 10.10
CA PHE A 11 11.37 -9.45 9.19
C PHE A 11 11.44 -9.94 7.74
N GLU A 12 12.17 -11.05 7.51
CA GLU A 12 12.35 -11.67 6.20
C GLU A 12 11.05 -12.20 5.64
N LYS A 13 10.22 -12.88 6.45
CA LYS A 13 8.91 -13.41 6.02
C LYS A 13 8.02 -12.28 5.53
N MET A 14 8.03 -11.14 6.25
CA MET A 14 7.29 -9.93 5.95
C MET A 14 7.82 -9.29 4.66
N ASP A 15 9.14 -9.33 4.48
CA ASP A 15 9.80 -8.77 3.31
C ASP A 15 9.49 -9.57 2.06
N ASN A 16 9.39 -10.90 2.15
CA ASN A 16 9.05 -11.77 1.03
C ASN A 16 7.63 -11.53 0.56
N LEU A 17 6.71 -11.30 1.52
CA LEU A 17 5.30 -11.00 1.29
C LEU A 17 5.10 -9.73 0.44
N LEU A 18 5.93 -8.70 0.67
CA LEU A 18 5.89 -7.43 -0.05
C LEU A 18 6.41 -7.52 -1.48
N ARG A 19 7.19 -8.57 -1.76
CA ARG A 19 7.88 -8.84 -3.01
C ARG A 19 7.23 -9.90 -3.89
N ASP A 20 6.59 -10.92 -3.27
CA ASP A 20 5.95 -12.06 -3.94
C ASP A 20 4.86 -11.62 -4.92
N PRO A 21 5.00 -11.96 -6.23
CA PRO A 21 3.96 -11.59 -7.22
C PRO A 21 2.58 -12.21 -6.97
N LYS A 22 2.52 -13.32 -6.20
CA LYS A 22 1.27 -14.02 -5.90
C LYS A 22 0.70 -13.66 -4.52
N SER A 23 1.36 -12.72 -3.80
CA SER A 23 0.94 -12.26 -2.47
C SER A 23 -0.12 -11.18 -2.54
N GLU A 24 -1.08 -11.24 -1.60
CA GLU A 24 -2.20 -10.30 -1.51
C GLU A 24 -1.76 -8.93 -0.94
N VAL A 25 -0.56 -8.89 -0.31
CA VAL A 25 0.03 -7.69 0.30
C VAL A 25 1.37 -7.27 -0.32
N ASN A 26 1.58 -7.54 -1.61
CA ASN A 26 2.81 -7.08 -2.25
C ASN A 26 2.63 -5.58 -2.59
N SER A 27 3.72 -4.89 -3.02
CA SER A 27 3.68 -3.46 -3.34
C SER A 27 2.54 -3.03 -4.28
N ASP A 28 2.21 -3.87 -5.28
CA ASP A 28 1.13 -3.64 -6.27
C ASP A 28 -0.24 -3.52 -5.60
N CYS A 29 -0.55 -4.48 -4.73
CA CYS A 29 -1.83 -4.57 -4.04
C CYS A 29 -1.96 -3.48 -3.01
N LEU A 30 -0.84 -3.14 -2.31
CA LEU A 30 -0.81 -2.12 -1.28
C LEU A 30 -1.01 -0.72 -1.87
N LEU A 31 -0.42 -0.46 -3.05
CA LEU A 31 -0.57 0.81 -3.78
C LEU A 31 -2.01 0.93 -4.29
N ASP A 32 -2.62 -0.22 -4.66
CA ASP A 32 -4.00 -0.32 -5.12
C ASP A 32 -4.94 0.05 -3.98
N GLY A 33 -4.60 -0.39 -2.77
CA GLY A 33 -5.38 -0.17 -1.55
C GLY A 33 -5.53 1.30 -1.22
N LEU A 34 -4.42 2.05 -1.33
CA LEU A 34 -4.36 3.49 -1.06
C LEU A 34 -5.03 4.27 -2.19
N ASP A 35 -4.81 3.87 -3.46
CA ASP A 35 -5.39 4.47 -4.66
C ASP A 35 -6.92 4.39 -4.62
N ALA A 36 -7.45 3.23 -4.18
CA ALA A 36 -8.88 2.94 -4.03
C ALA A 36 -9.47 3.77 -2.91
N LEU A 37 -8.77 3.82 -1.75
CA LEU A 37 -9.18 4.59 -0.57
C LEU A 37 -9.34 6.08 -0.92
N VAL A 38 -8.35 6.65 -1.64
CA VAL A 38 -8.35 8.06 -2.06
C VAL A 38 -9.50 8.34 -3.06
N TYR A 39 -9.77 7.42 -4.01
CA TYR A 39 -10.87 7.55 -4.99
C TYR A 39 -12.23 7.51 -4.29
N ASP A 40 -12.43 6.52 -3.39
CA ASP A 40 -13.66 6.27 -2.65
C ASP A 40 -13.99 7.32 -1.59
N LEU A 41 -13.00 8.09 -1.12
CA LEU A 41 -13.21 9.12 -0.11
C LEU A 41 -13.33 10.54 -0.68
N ASP A 42 -12.68 10.83 -1.84
CA ASP A 42 -12.69 12.18 -2.42
C ASP A 42 -14.05 12.56 -3.06
N PHE A 43 -14.98 12.97 -2.18
CA PHE A 43 -16.33 13.45 -2.53
C PHE A 43 -16.71 14.51 -1.51
N PRO A 44 -17.40 15.60 -1.92
CA PRO A 44 -17.73 16.69 -0.97
C PRO A 44 -18.45 16.26 0.31
N ALA A 45 -19.42 15.32 0.21
CA ALA A 45 -20.22 14.80 1.34
C ALA A 45 -19.37 14.12 2.41
N LEU A 46 -18.43 13.24 1.98
CA LEU A 46 -17.52 12.51 2.87
C LEU A 46 -16.44 13.40 3.43
N ARG A 47 -16.00 14.41 2.63
CA ARG A 47 -14.99 15.40 3.00
C ARG A 47 -15.46 16.32 4.16
N LYS A 48 -16.75 16.25 4.56
CA LYS A 48 -17.30 16.98 5.70
C LYS A 48 -16.70 16.41 7.00
N ASN A 49 -16.26 15.12 6.96
CA ASN A 49 -15.60 14.42 8.06
C ASN A 49 -14.12 14.84 8.03
N LYS A 50 -13.65 15.47 9.11
CA LYS A 50 -12.27 15.95 9.18
C LYS A 50 -11.23 14.85 9.06
N ASN A 51 -11.51 13.62 9.55
CA ASN A 51 -10.58 12.48 9.43
C ASN A 51 -10.31 12.20 7.96
N ILE A 52 -11.39 12.17 7.15
CA ILE A 52 -11.37 11.93 5.70
C ILE A 52 -10.71 13.12 4.98
N ASP A 53 -11.19 14.36 5.25
CA ASP A 53 -10.68 15.61 4.67
C ASP A 53 -9.17 15.80 4.89
N ASN A 54 -8.70 15.68 6.15
CA ASN A 54 -7.29 15.84 6.50
C ASN A 54 -6.41 14.81 5.85
N PHE A 55 -6.90 13.55 5.77
CA PHE A 55 -6.17 12.44 5.16
C PHE A 55 -5.91 12.73 3.68
N LEU A 56 -6.98 13.07 2.94
CA LEU A 56 -6.92 13.38 1.52
C LEU A 56 -5.99 14.57 1.21
N SER A 57 -6.00 15.61 2.06
CA SER A 57 -5.13 16.78 1.92
C SER A 57 -3.66 16.38 2.12
N ARG A 58 -3.40 15.55 3.17
CA ARG A 58 -2.10 15.04 3.55
C ARG A 58 -1.48 14.16 2.44
N TYR A 59 -2.31 13.38 1.73
CA TYR A 59 -1.86 12.49 0.67
C TYR A 59 -2.02 13.04 -0.75
N LYS A 60 -2.58 14.26 -0.90
CA LYS A 60 -2.85 14.90 -2.20
C LYS A 60 -1.67 14.86 -3.15
N ASP A 61 -0.56 15.53 -2.81
CA ASP A 61 0.66 15.61 -3.62
C ASP A 61 1.27 14.23 -3.91
N THR A 62 1.27 13.32 -2.92
CA THR A 62 1.81 11.96 -3.05
C THR A 62 0.97 11.12 -4.04
N ILE A 63 -0.36 11.14 -3.88
CA ILE A 63 -1.27 10.37 -4.75
C ILE A 63 -1.16 10.82 -6.21
N ASN A 64 -0.88 12.11 -6.44
CA ASN A 64 -0.73 12.67 -7.79
C ASN A 64 0.58 12.18 -8.40
N LYS A 65 1.66 12.01 -7.59
CA LYS A 65 2.96 11.50 -8.03
C LYS A 65 2.83 10.00 -8.35
N ILE A 66 2.19 9.22 -7.44
CA ILE A 66 1.91 7.78 -7.58
C ILE A 66 1.15 7.53 -8.88
N ARG A 67 0.03 8.26 -9.10
CA ARG A 67 -0.81 8.15 -10.29
C ARG A 67 -0.07 8.53 -11.57
N ASP A 68 0.90 9.47 -11.50
CA ASP A 68 1.70 9.89 -12.65
C ASP A 68 2.77 8.85 -13.00
N LEU A 69 3.44 8.26 -11.98
CA LEU A 69 4.52 7.29 -12.16
C LEU A 69 4.05 5.89 -12.56
N ARG A 70 2.97 5.40 -11.93
CA ARG A 70 2.40 4.08 -12.21
C ARG A 70 1.80 4.04 -13.62
N MET A 71 1.68 2.84 -14.18
CA MET A 71 1.11 2.64 -15.50
C MET A 71 -0.34 3.13 -15.54
N LYS A 72 -0.68 3.86 -16.60
CA LYS A 72 -2.00 4.46 -16.81
C LYS A 72 -2.41 4.36 -18.28
N ALA A 73 -3.72 4.54 -18.57
CA ALA A 73 -4.28 4.46 -19.93
C ALA A 73 -3.61 5.43 -20.92
N GLU A 74 -3.33 6.68 -20.50
CA GLU A 74 -2.70 7.72 -21.33
C GLU A 74 -1.24 7.43 -21.72
N ASP A 75 -0.66 6.29 -21.26
CA ASP A 75 0.68 5.84 -21.65
C ASP A 75 0.54 5.06 -22.97
N TYR A 76 -0.71 4.67 -23.31
CA TYR A 76 -1.04 3.90 -24.49
C TYR A 76 -1.81 4.71 -25.54
N GLU A 77 -1.33 4.60 -26.79
CA GLU A 77 -1.89 5.20 -28.00
C GLU A 77 -2.80 4.12 -28.61
N VAL A 78 -4.13 4.34 -28.58
CA VAL A 78 -5.10 3.37 -29.09
C VAL A 78 -5.17 3.46 -30.63
N VAL A 79 -4.70 2.39 -31.30
CA VAL A 79 -4.61 2.24 -32.76
C VAL A 79 -5.99 1.92 -33.36
N LYS A 80 -6.69 0.90 -32.82
CA LYS A 80 -8.02 0.48 -33.27
C LYS A 80 -8.72 -0.35 -32.19
N VAL A 81 -10.07 -0.30 -32.13
CA VAL A 81 -10.86 -1.13 -31.23
C VAL A 81 -11.11 -2.43 -32.02
N ILE A 82 -10.65 -3.58 -31.48
CA ILE A 82 -10.75 -4.88 -32.16
C ILE A 82 -11.82 -5.81 -31.55
N GLY A 83 -12.30 -5.48 -30.36
CA GLY A 83 -13.33 -6.25 -29.66
C GLY A 83 -14.18 -5.34 -28.80
N ARG A 84 -15.47 -5.67 -28.65
CA ARG A 84 -16.42 -4.89 -27.85
C ARG A 84 -17.55 -5.76 -27.29
N GLY A 85 -17.84 -5.54 -26.02
CA GLY A 85 -18.88 -6.22 -25.26
C GLY A 85 -19.53 -5.25 -24.29
N ALA A 86 -20.50 -5.75 -23.51
CA ALA A 86 -21.20 -4.92 -22.52
C ALA A 86 -20.27 -4.61 -21.35
N PHE A 87 -19.45 -5.60 -20.94
CA PHE A 87 -18.53 -5.48 -19.82
C PHE A 87 -17.24 -4.74 -20.15
N GLY A 88 -17.01 -4.43 -21.42
CA GLY A 88 -15.83 -3.68 -21.84
C GLY A 88 -15.45 -3.78 -23.29
N GLU A 89 -14.16 -3.55 -23.60
CA GLU A 89 -13.65 -3.63 -24.97
C GLU A 89 -12.16 -4.03 -25.04
N VAL A 90 -11.76 -4.58 -26.19
CA VAL A 90 -10.38 -4.99 -26.46
C VAL A 90 -9.87 -4.04 -27.54
N GLN A 91 -8.68 -3.48 -27.37
CA GLN A 91 -8.13 -2.54 -28.35
C GLN A 91 -6.66 -2.75 -28.65
N LEU A 92 -6.29 -2.57 -29.93
CA LEU A 92 -4.90 -2.65 -30.34
C LEU A 92 -4.27 -1.32 -29.92
N VAL A 93 -3.29 -1.38 -29.01
CA VAL A 93 -2.61 -0.19 -28.50
C VAL A 93 -1.10 -0.22 -28.77
N ARG A 94 -0.46 0.95 -28.64
CA ARG A 94 0.99 1.11 -28.75
C ARG A 94 1.45 1.94 -27.56
N HIS A 95 2.37 1.38 -26.74
CA HIS A 95 2.91 2.07 -25.57
C HIS A 95 3.76 3.24 -26.09
N LYS A 96 3.35 4.47 -25.77
CA LYS A 96 3.97 5.71 -26.25
C LYS A 96 5.49 5.79 -26.01
N SER A 97 5.97 5.34 -24.84
CA SER A 97 7.41 5.37 -24.51
C SER A 97 8.22 4.29 -25.24
N THR A 98 7.92 3.00 -24.97
CA THR A 98 8.65 1.85 -25.54
C THR A 98 8.38 1.62 -27.04
N ARG A 99 7.24 2.14 -27.55
CA ARG A 99 6.75 2.01 -28.93
C ARG A 99 6.29 0.56 -29.23
N LYS A 100 6.13 -0.25 -28.17
CA LYS A 100 5.73 -1.66 -28.25
C LYS A 100 4.24 -1.82 -28.49
N VAL A 101 3.88 -2.79 -29.33
CA VAL A 101 2.49 -3.06 -29.71
C VAL A 101 1.87 -4.15 -28.83
N TYR A 102 0.68 -3.85 -28.28
CA TYR A 102 -0.05 -4.79 -27.43
C TYR A 102 -1.53 -4.77 -27.69
N ALA A 103 -2.24 -5.77 -27.13
CA ALA A 103 -3.69 -5.86 -27.14
C ALA A 103 -4.08 -5.53 -25.71
N MET A 104 -5.00 -4.58 -25.55
CA MET A 104 -5.41 -4.17 -24.22
C MET A 104 -6.89 -4.40 -24.00
N LYS A 105 -7.22 -5.26 -23.01
CA LYS A 105 -8.60 -5.57 -22.62
C LYS A 105 -8.98 -4.68 -21.44
N LEU A 106 -10.06 -3.92 -21.64
CA LEU A 106 -10.65 -3.00 -20.67
C LEU A 106 -11.93 -3.63 -20.13
N LEU A 107 -12.14 -3.54 -18.81
CA LEU A 107 -13.35 -4.05 -18.16
C LEU A 107 -13.96 -2.93 -17.32
N SER A 108 -15.22 -2.57 -17.64
CA SER A 108 -15.98 -1.51 -16.99
C SER A 108 -16.33 -1.84 -15.55
N LYS A 109 -15.76 -1.04 -14.61
CA LYS A 109 -16.01 -1.16 -13.17
C LYS A 109 -17.47 -0.81 -12.87
N PHE A 110 -18.06 0.15 -13.63
CA PHE A 110 -19.46 0.55 -13.51
C PHE A 110 -20.38 -0.64 -13.80
N GLU A 111 -20.10 -1.34 -14.91
CA GLU A 111 -20.84 -2.51 -15.38
C GLU A 111 -20.69 -3.69 -14.43
N MET A 112 -19.47 -3.94 -13.92
CA MET A 112 -19.21 -5.03 -12.98
C MET A 112 -19.93 -4.85 -11.64
N ILE A 113 -20.04 -3.59 -11.13
CA ILE A 113 -20.75 -3.24 -9.89
C ILE A 113 -22.28 -3.40 -10.07
N LYS A 114 -22.87 -2.90 -11.19
CA LYS A 114 -24.31 -3.11 -11.48
C LYS A 114 -24.43 -4.59 -11.88
N ARG A 115 -25.12 -5.39 -11.02
CA ARG A 115 -25.24 -6.87 -11.04
C ARG A 115 -24.11 -7.37 -10.16
N SER A 116 -24.34 -8.46 -9.41
CA SER A 116 -23.31 -9.01 -8.53
C SER A 116 -22.29 -9.80 -9.38
N ASP A 117 -21.62 -9.08 -10.31
CA ASP A 117 -20.67 -9.70 -11.23
C ASP A 117 -19.27 -9.06 -11.25
N SER A 118 -18.58 -9.23 -10.12
CA SER A 118 -17.19 -8.87 -9.95
C SER A 118 -16.52 -10.27 -9.98
N ALA A 119 -15.33 -10.40 -9.39
CA ALA A 119 -14.59 -11.66 -9.19
C ALA A 119 -14.31 -12.59 -10.42
N PHE A 120 -14.85 -12.34 -11.62
CA PHE A 120 -14.58 -13.27 -12.75
C PHE A 120 -13.20 -13.10 -13.39
N PHE A 121 -12.66 -11.87 -13.29
CA PHE A 121 -11.41 -11.43 -13.89
C PHE A 121 -10.15 -11.94 -13.21
N TRP A 122 -10.26 -12.42 -11.96
CA TRP A 122 -9.12 -12.91 -11.18
C TRP A 122 -8.42 -14.10 -11.85
N GLU A 123 -9.16 -15.13 -12.29
CA GLU A 123 -8.57 -16.30 -12.94
C GLU A 123 -8.05 -15.97 -14.34
N GLU A 124 -8.69 -15.02 -15.05
CA GLU A 124 -8.20 -14.56 -16.36
C GLU A 124 -6.84 -13.86 -16.16
N ARG A 125 -6.71 -13.01 -15.10
CA ARG A 125 -5.47 -12.33 -14.72
C ARG A 125 -4.37 -13.37 -14.42
N ASP A 126 -4.66 -14.34 -13.53
CA ASP A 126 -3.74 -15.39 -13.10
C ASP A 126 -3.32 -16.36 -14.20
N ILE A 127 -4.26 -16.85 -15.02
CA ILE A 127 -3.98 -17.77 -16.12
C ILE A 127 -3.00 -17.10 -17.10
N MET A 128 -3.32 -15.88 -17.59
CA MET A 128 -2.46 -15.15 -18.54
C MET A 128 -1.15 -14.69 -17.95
N ALA A 129 -1.13 -14.34 -16.66
CA ALA A 129 0.10 -13.88 -16.01
C ALA A 129 1.07 -14.99 -15.66
N PHE A 130 0.57 -16.16 -15.21
CA PHE A 130 1.43 -17.25 -14.70
C PHE A 130 1.42 -18.58 -15.48
N ALA A 131 0.66 -18.70 -16.60
CA ALA A 131 0.59 -19.93 -17.38
C ALA A 131 1.93 -20.32 -17.96
N ASN A 132 2.70 -19.33 -18.49
CA ASN A 132 4.00 -19.54 -19.13
C ASN A 132 3.87 -20.75 -20.09
N SER A 133 2.89 -20.64 -20.99
CA SER A 133 2.54 -21.68 -21.96
C SER A 133 2.40 -21.06 -23.33
N PRO A 134 2.96 -21.67 -24.40
CA PRO A 134 2.77 -21.11 -25.75
C PRO A 134 1.32 -21.19 -26.24
N TRP A 135 0.44 -21.85 -25.46
CA TRP A 135 -0.98 -22.03 -25.75
C TRP A 135 -1.87 -21.01 -25.06
N VAL A 136 -1.31 -20.16 -24.20
CA VAL A 136 -2.07 -19.17 -23.47
C VAL A 136 -1.52 -17.77 -23.77
N VAL A 137 -2.41 -16.82 -24.14
CA VAL A 137 -2.05 -15.43 -24.40
C VAL A 137 -1.42 -14.89 -23.12
N GLN A 138 -0.24 -14.26 -23.25
CA GLN A 138 0.53 -13.73 -22.13
C GLN A 138 0.01 -12.37 -21.67
N LEU A 139 0.02 -12.16 -20.35
CA LEU A 139 -0.32 -10.91 -19.70
C LEU A 139 1.01 -10.25 -19.32
N PHE A 140 1.27 -9.04 -19.86
CA PHE A 140 2.51 -8.31 -19.58
C PHE A 140 2.31 -7.36 -18.41
N TYR A 141 1.19 -6.64 -18.41
CA TYR A 141 0.85 -5.72 -17.32
C TYR A 141 -0.65 -5.72 -17.11
N ALA A 142 -1.06 -5.50 -15.87
CA ALA A 142 -2.45 -5.33 -15.51
C ALA A 142 -2.47 -4.11 -14.61
N PHE A 143 -3.37 -3.16 -14.89
CA PHE A 143 -3.47 -1.93 -14.10
C PHE A 143 -4.91 -1.47 -14.06
N GLN A 144 -5.17 -0.32 -13.41
CA GLN A 144 -6.52 0.22 -13.22
C GLN A 144 -6.57 1.69 -12.82
N ASP A 145 -7.75 2.30 -13.02
CA ASP A 145 -8.13 3.63 -12.62
C ASP A 145 -9.54 3.50 -12.04
N ASP A 146 -10.18 4.62 -11.66
CA ASP A 146 -11.52 4.60 -11.07
C ASP A 146 -12.63 4.04 -11.98
N ARG A 147 -12.37 3.96 -13.30
CA ARG A 147 -13.35 3.55 -14.29
C ARG A 147 -13.15 2.15 -14.88
N TYR A 148 -11.90 1.75 -15.18
CA TYR A 148 -11.62 0.47 -15.83
C TYR A 148 -10.50 -0.38 -15.21
N LEU A 149 -10.50 -1.66 -15.57
CA LEU A 149 -9.46 -2.65 -15.28
C LEU A 149 -8.80 -2.80 -16.65
N TYR A 150 -7.47 -2.88 -16.69
CA TYR A 150 -6.74 -3.00 -17.96
C TYR A 150 -5.85 -4.22 -17.93
N MET A 151 -5.79 -4.96 -19.06
CA MET A 151 -4.95 -6.13 -19.21
C MET A 151 -4.16 -5.98 -20.49
N VAL A 152 -2.85 -5.68 -20.37
CA VAL A 152 -1.94 -5.48 -21.50
C VAL A 152 -1.34 -6.83 -21.85
N MET A 153 -1.73 -7.37 -23.02
CA MET A 153 -1.36 -8.70 -23.51
C MET A 153 -0.63 -8.65 -24.83
N GLU A 154 0.04 -9.77 -25.21
CA GLU A 154 0.66 -9.88 -26.53
C GLU A 154 -0.49 -9.91 -27.52
N TYR A 155 -0.32 -9.21 -28.64
CA TYR A 155 -1.31 -9.12 -29.71
C TYR A 155 -1.24 -10.35 -30.59
N MET A 156 -2.42 -10.90 -30.92
CA MET A 156 -2.63 -12.08 -31.77
C MET A 156 -3.12 -11.57 -33.14
N PRO A 157 -2.19 -11.22 -34.07
CA PRO A 157 -2.62 -10.60 -35.34
C PRO A 157 -3.43 -11.44 -36.33
N GLY A 158 -3.36 -12.76 -36.17
CA GLY A 158 -4.05 -13.71 -37.04
C GLY A 158 -5.55 -13.82 -36.83
N GLY A 159 -6.08 -13.11 -35.84
CA GLY A 159 -7.51 -13.11 -35.54
C GLY A 159 -7.97 -14.38 -34.86
N ASP A 160 -9.29 -14.60 -34.75
CA ASP A 160 -9.84 -15.79 -34.11
C ASP A 160 -10.36 -16.84 -35.10
N LEU A 161 -10.89 -17.97 -34.57
CA LEU A 161 -11.42 -19.07 -35.38
C LEU A 161 -12.80 -18.78 -35.98
N VAL A 162 -13.55 -17.80 -35.45
CA VAL A 162 -14.84 -17.39 -36.04
C VAL A 162 -14.53 -16.73 -37.40
N ASN A 163 -13.51 -15.86 -37.42
CA ASN A 163 -13.06 -15.18 -38.63
C ASN A 163 -12.54 -16.20 -39.65
N LEU A 164 -11.70 -17.18 -39.23
CA LEU A 164 -11.18 -18.20 -40.13
C LEU A 164 -12.29 -19.02 -40.77
N MET A 165 -13.23 -19.54 -39.95
CA MET A 165 -14.34 -20.39 -40.41
C MET A 165 -15.28 -19.65 -41.36
N SER A 166 -15.44 -18.34 -41.17
CA SER A 166 -16.32 -17.53 -42.01
C SER A 166 -15.70 -17.23 -43.39
N ASN A 167 -14.37 -17.28 -43.50
CA ASN A 167 -13.70 -17.03 -44.77
C ASN A 167 -13.23 -18.29 -45.54
N TYR A 168 -13.26 -19.45 -44.90
CA TYR A 168 -12.83 -20.70 -45.53
C TYR A 168 -13.79 -21.86 -45.28
N ASP A 169 -13.86 -22.77 -46.26
CA ASP A 169 -14.57 -24.03 -46.09
C ASP A 169 -13.43 -24.90 -45.55
N VAL A 170 -13.37 -25.06 -44.24
CA VAL A 170 -12.27 -25.75 -43.56
C VAL A 170 -12.09 -27.22 -44.02
N PRO A 171 -10.97 -27.57 -44.70
CA PRO A 171 -10.72 -28.98 -45.04
C PRO A 171 -10.33 -29.77 -43.80
N GLU A 172 -10.51 -31.09 -43.83
CA GLU A 172 -10.22 -31.99 -42.72
C GLU A 172 -8.79 -31.91 -42.18
N LYS A 173 -7.78 -31.72 -43.06
CA LYS A 173 -6.38 -31.59 -42.65
C LYS A 173 -6.15 -30.34 -41.78
N TRP A 174 -6.92 -29.25 -42.02
CA TRP A 174 -6.85 -28.02 -41.22
C TRP A 174 -7.57 -28.24 -39.90
N ALA A 175 -8.79 -28.82 -39.97
CA ALA A 175 -9.61 -29.13 -38.80
C ALA A 175 -8.85 -30.03 -37.82
N ARG A 176 -8.05 -31.01 -38.33
CA ARG A 176 -7.21 -31.88 -37.51
C ARG A 176 -6.18 -31.06 -36.75
N PHE A 177 -5.52 -30.09 -37.44
CA PHE A 177 -4.50 -29.21 -36.86
C PHE A 177 -5.07 -28.38 -35.73
N TYR A 178 -6.17 -27.63 -35.97
CA TYR A 178 -6.80 -26.76 -34.98
C TYR A 178 -7.40 -27.53 -33.83
N THR A 179 -8.02 -28.70 -34.08
CA THR A 179 -8.58 -29.53 -33.00
C THR A 179 -7.43 -30.02 -32.10
N ALA A 180 -6.33 -30.52 -32.71
CA ALA A 180 -5.15 -30.99 -31.98
C ALA A 180 -4.53 -29.91 -31.10
N GLU A 181 -4.42 -28.65 -31.61
CA GLU A 181 -3.87 -27.52 -30.87
C GLU A 181 -4.77 -27.11 -29.72
N VAL A 182 -6.10 -27.24 -29.91
CA VAL A 182 -7.12 -26.95 -28.90
C VAL A 182 -7.00 -27.97 -27.77
N VAL A 183 -6.82 -29.25 -28.14
CA VAL A 183 -6.64 -30.37 -27.21
C VAL A 183 -5.42 -30.10 -26.33
N LEU A 184 -4.29 -29.69 -26.94
CA LEU A 184 -3.05 -29.39 -26.22
C LEU A 184 -3.21 -28.15 -25.35
N ALA A 185 -3.90 -27.11 -25.87
CA ALA A 185 -4.17 -25.86 -25.18
C ALA A 185 -5.04 -26.06 -23.94
N LEU A 186 -6.14 -26.84 -24.05
CA LEU A 186 -7.03 -27.14 -22.93
C LEU A 186 -6.35 -27.99 -21.88
N ASP A 187 -5.46 -28.89 -22.32
CA ASP A 187 -4.70 -29.74 -21.42
C ASP A 187 -3.74 -28.91 -20.57
N ALA A 188 -3.17 -27.82 -21.14
CA ALA A 188 -2.28 -26.92 -20.42
C ALA A 188 -3.07 -26.21 -19.31
N ILE A 189 -4.33 -25.82 -19.59
CA ILE A 189 -5.25 -25.15 -18.67
C ILE A 189 -5.65 -26.14 -17.55
N HIS A 190 -5.93 -27.40 -17.93
CA HIS A 190 -6.32 -28.46 -17.01
C HIS A 190 -5.22 -28.77 -16.04
N SER A 191 -3.96 -28.81 -16.54
CA SER A 191 -2.75 -29.04 -15.74
C SER A 191 -2.54 -27.95 -14.70
N MET A 192 -3.01 -26.72 -14.97
CA MET A 192 -2.93 -25.57 -14.07
C MET A 192 -3.99 -25.64 -12.98
N GLY A 193 -4.94 -26.58 -13.13
CA GLY A 193 -6.02 -26.81 -12.19
C GLY A 193 -7.31 -26.07 -12.51
N PHE A 194 -7.53 -25.71 -13.79
CA PHE A 194 -8.74 -25.00 -14.21
C PHE A 194 -9.56 -25.77 -15.25
N ILE A 195 -10.87 -25.54 -15.25
CA ILE A 195 -11.82 -26.02 -16.25
C ILE A 195 -12.21 -24.74 -17.00
N HIS A 196 -12.17 -24.77 -18.36
CA HIS A 196 -12.50 -23.58 -19.17
C HIS A 196 -13.98 -23.23 -19.07
N ARG A 197 -14.87 -24.23 -19.33
CA ARG A 197 -16.33 -24.18 -19.27
C ARG A 197 -17.01 -23.46 -20.46
N ASP A 198 -16.25 -22.67 -21.25
CA ASP A 198 -16.79 -21.94 -22.40
C ASP A 198 -15.80 -21.87 -23.58
N VAL A 199 -15.28 -23.05 -23.99
CA VAL A 199 -14.36 -23.19 -25.12
C VAL A 199 -15.18 -22.97 -26.39
N LYS A 200 -14.79 -21.98 -27.20
CA LYS A 200 -15.46 -21.68 -28.46
C LYS A 200 -14.50 -21.01 -29.44
N PRO A 201 -14.81 -20.97 -30.76
CA PRO A 201 -13.91 -20.29 -31.71
C PRO A 201 -13.61 -18.82 -31.39
N ASP A 202 -14.48 -18.15 -30.64
CA ASP A 202 -14.36 -16.75 -30.21
C ASP A 202 -13.17 -16.52 -29.29
N ASN A 203 -12.80 -17.55 -28.53
CA ASN A 203 -11.69 -17.41 -27.63
C ASN A 203 -10.53 -18.32 -28.01
N MET A 204 -10.42 -18.65 -29.32
CA MET A 204 -9.30 -19.36 -29.95
C MET A 204 -8.68 -18.36 -30.92
N LEU A 205 -7.55 -17.72 -30.51
CA LEU A 205 -6.82 -16.71 -31.29
C LEU A 205 -5.63 -17.31 -32.01
N LEU A 206 -5.17 -16.66 -33.08
CA LEU A 206 -4.01 -17.12 -33.86
C LEU A 206 -2.89 -16.09 -33.85
N ASP A 207 -1.65 -16.51 -33.56
CA ASP A 207 -0.47 -15.64 -33.53
C ASP A 207 0.05 -15.34 -34.95
N LYS A 208 1.15 -14.56 -35.09
CA LYS A 208 1.74 -14.18 -36.38
C LYS A 208 2.15 -15.35 -37.27
N SER A 209 2.26 -16.57 -36.70
CA SER A 209 2.63 -17.79 -37.41
C SER A 209 1.43 -18.66 -37.78
N GLY A 210 0.26 -18.32 -37.21
CA GLY A 210 -0.97 -19.08 -37.42
C GLY A 210 -1.20 -20.19 -36.42
N HIS A 211 -0.48 -20.15 -35.28
CA HIS A 211 -0.61 -21.13 -34.21
C HIS A 211 -1.55 -20.61 -33.14
N LEU A 212 -2.34 -21.51 -32.57
CA LEU A 212 -3.37 -21.20 -31.58
C LEU A 212 -2.86 -20.84 -30.19
N LYS A 213 -3.62 -19.96 -29.53
CA LYS A 213 -3.49 -19.47 -28.15
C LYS A 213 -4.91 -19.18 -27.67
N LEU A 214 -5.23 -19.64 -26.47
CA LEU A 214 -6.53 -19.40 -25.86
C LEU A 214 -6.50 -18.06 -25.14
N ALA A 215 -7.63 -17.36 -25.15
CA ALA A 215 -7.77 -16.08 -24.46
C ALA A 215 -9.19 -16.01 -23.91
N ASP A 216 -9.60 -14.89 -23.28
CA ASP A 216 -10.94 -14.70 -22.71
C ASP A 216 -11.30 -15.82 -21.70
N PHE A 217 -10.77 -15.70 -20.47
CA PHE A 217 -10.95 -16.72 -19.45
C PHE A 217 -11.94 -16.32 -18.34
N GLY A 218 -12.96 -15.57 -18.72
CA GLY A 218 -14.01 -15.09 -17.82
C GLY A 218 -14.89 -16.14 -17.17
N THR A 219 -14.82 -17.42 -17.65
CA THR A 219 -15.60 -18.57 -17.18
C THR A 219 -14.76 -19.65 -16.54
N CYS A 220 -13.43 -19.46 -16.46
CA CYS A 220 -12.52 -20.45 -15.88
C CYS A 220 -12.71 -20.65 -14.40
N MET A 221 -12.83 -21.90 -13.95
CA MET A 221 -12.98 -22.18 -12.53
C MET A 221 -11.96 -23.19 -12.04
N LYS A 222 -11.35 -22.90 -10.88
CA LYS A 222 -10.36 -23.78 -10.25
C LYS A 222 -11.01 -25.07 -9.74
N MET A 223 -10.47 -26.21 -10.17
CA MET A 223 -10.93 -27.55 -9.80
C MET A 223 -10.67 -27.82 -8.34
N ASN A 224 -11.46 -28.72 -7.74
CA ASN A 224 -11.27 -29.15 -6.36
C ASN A 224 -10.32 -30.37 -6.33
N LYS A 225 -10.09 -30.93 -5.13
CA LYS A 225 -9.22 -32.09 -4.88
C LYS A 225 -9.48 -33.23 -5.86
N GLU A 226 -10.77 -33.54 -6.10
CA GLU A 226 -11.23 -34.61 -6.99
C GLU A 226 -11.26 -34.18 -8.48
N GLY A 227 -10.77 -32.98 -8.77
CA GLY A 227 -10.75 -32.39 -10.11
C GLY A 227 -12.15 -32.02 -10.58
N MET A 228 -12.98 -31.53 -9.65
CA MET A 228 -14.38 -31.18 -9.88
C MET A 228 -14.69 -29.73 -9.58
N VAL A 229 -15.88 -29.31 -9.98
CA VAL A 229 -16.42 -27.98 -9.77
C VAL A 229 -17.90 -28.13 -9.38
N ARG A 230 -18.32 -27.43 -8.32
CA ARG A 230 -19.71 -27.46 -7.88
C ARG A 230 -20.32 -26.11 -8.21
N CYS A 231 -21.16 -26.09 -9.25
CA CYS A 231 -21.81 -24.87 -9.75
C CYS A 231 -23.33 -25.05 -9.84
N ASP A 232 -24.08 -24.13 -9.19
CA ASP A 232 -25.53 -24.14 -9.12
C ASP A 232 -26.22 -23.60 -10.38
N THR A 233 -25.57 -22.62 -11.03
CA THR A 233 -26.07 -21.97 -12.23
C THR A 233 -25.18 -22.32 -13.43
N ALA A 234 -25.79 -22.52 -14.62
CA ALA A 234 -25.10 -22.87 -15.87
C ALA A 234 -24.19 -21.75 -16.33
N VAL A 235 -23.09 -22.14 -16.99
CA VAL A 235 -22.05 -21.24 -17.48
C VAL A 235 -21.65 -21.71 -18.90
N GLY A 236 -21.52 -20.76 -19.84
CA GLY A 236 -21.10 -21.07 -21.21
C GLY A 236 -21.85 -20.35 -22.31
N THR A 237 -21.94 -21.00 -23.48
CA THR A 237 -22.59 -20.46 -24.68
C THR A 237 -23.68 -21.42 -25.16
N PRO A 238 -24.88 -20.92 -25.54
CA PRO A 238 -25.96 -21.83 -25.96
C PRO A 238 -25.56 -22.95 -26.93
N ASP A 239 -24.73 -22.68 -27.95
CA ASP A 239 -24.33 -23.70 -28.94
C ASP A 239 -23.36 -24.79 -28.44
N TYR A 240 -22.39 -24.42 -27.57
CA TYR A 240 -21.30 -25.29 -27.10
C TYR A 240 -21.44 -25.86 -25.69
N ILE A 241 -22.47 -25.48 -24.93
CA ILE A 241 -22.67 -25.96 -23.55
C ILE A 241 -23.00 -27.46 -23.52
N SER A 242 -22.33 -28.21 -22.64
CA SER A 242 -22.54 -29.66 -22.47
C SER A 242 -23.85 -29.93 -21.72
N PRO A 243 -24.53 -31.08 -21.93
CA PRO A 243 -25.79 -31.35 -21.20
C PRO A 243 -25.72 -31.27 -19.67
N GLU A 244 -24.62 -31.71 -19.06
CA GLU A 244 -24.43 -31.71 -17.61
C GLU A 244 -24.28 -30.28 -16.99
N VAL A 245 -23.71 -29.31 -17.75
CA VAL A 245 -23.54 -27.92 -17.28
C VAL A 245 -24.87 -27.18 -17.47
N LEU A 246 -25.61 -27.57 -18.52
CA LEU A 246 -26.91 -27.01 -18.88
C LEU A 246 -28.02 -27.37 -17.88
N LYS A 247 -28.02 -28.63 -17.37
CA LYS A 247 -29.02 -29.12 -16.40
C LYS A 247 -28.63 -28.84 -14.92
N SER A 248 -27.37 -28.40 -14.65
CA SER A 248 -26.87 -28.09 -13.29
C SER A 248 -27.83 -27.18 -12.52
N GLN A 249 -28.39 -27.70 -11.42
CA GLN A 249 -29.40 -27.05 -10.58
C GLN A 249 -28.91 -26.57 -9.19
N GLY A 250 -27.81 -27.15 -8.69
CA GLY A 250 -27.27 -26.83 -7.39
C GLY A 250 -27.39 -27.99 -6.43
N GLY A 251 -28.57 -28.62 -6.42
CA GLY A 251 -28.85 -29.83 -5.66
C GLY A 251 -28.03 -30.99 -6.19
N ASP A 252 -27.81 -30.99 -7.53
CA ASP A 252 -27.01 -31.96 -8.30
C ASP A 252 -26.37 -31.25 -9.52
N GLY A 253 -25.31 -30.49 -9.27
CA GLY A 253 -24.54 -29.74 -10.27
C GLY A 253 -23.04 -29.84 -10.03
N TYR A 254 -22.50 -31.05 -10.19
CA TYR A 254 -21.10 -31.39 -9.94
C TYR A 254 -20.49 -31.94 -11.24
N TYR A 255 -19.44 -31.29 -11.78
CA TYR A 255 -18.83 -31.73 -13.06
C TYR A 255 -17.30 -31.47 -13.17
N GLY A 256 -16.62 -32.27 -14.00
CA GLY A 256 -15.19 -32.20 -14.23
C GLY A 256 -14.78 -31.63 -15.57
N ARG A 257 -13.47 -31.72 -15.90
CA ARG A 257 -12.82 -31.20 -17.12
C ARG A 257 -13.39 -31.76 -18.43
N GLU A 258 -14.13 -32.89 -18.37
CA GLU A 258 -14.74 -33.55 -19.53
C GLU A 258 -15.81 -32.70 -20.23
N CYS A 259 -16.22 -31.57 -19.61
CA CYS A 259 -17.19 -30.64 -20.22
C CYS A 259 -16.52 -29.84 -21.33
N ASP A 260 -15.20 -29.59 -21.21
CA ASP A 260 -14.39 -28.90 -22.22
C ASP A 260 -14.21 -29.79 -23.46
N TRP A 261 -14.22 -31.13 -23.28
CA TRP A 261 -14.06 -32.07 -24.39
C TRP A 261 -15.30 -32.11 -25.28
N TRP A 262 -16.50 -31.88 -24.69
CA TRP A 262 -17.78 -31.78 -25.41
C TRP A 262 -17.71 -30.61 -26.37
N SER A 263 -17.20 -29.44 -25.91
CA SER A 263 -17.02 -28.20 -26.69
C SER A 263 -16.09 -28.40 -27.89
N VAL A 264 -15.07 -29.27 -27.74
CA VAL A 264 -14.14 -29.61 -28.83
C VAL A 264 -14.94 -30.34 -29.92
N GLY A 265 -15.82 -31.25 -29.50
CA GLY A 265 -16.70 -31.99 -30.40
C GLY A 265 -17.58 -31.07 -31.21
N VAL A 266 -18.16 -30.04 -30.55
CA VAL A 266 -19.00 -28.99 -31.17
C VAL A 266 -18.17 -28.20 -32.19
N PHE A 267 -16.92 -27.83 -31.83
CA PHE A 267 -15.97 -27.06 -32.65
C PHE A 267 -15.57 -27.82 -33.90
N LEU A 268 -15.22 -29.14 -33.75
CA LEU A 268 -14.84 -30.00 -34.87
C LEU A 268 -16.02 -30.11 -35.83
N TYR A 269 -17.24 -30.39 -35.30
CA TYR A 269 -18.46 -30.48 -36.11
C TYR A 269 -18.66 -29.18 -36.89
N GLU A 270 -18.59 -28.03 -36.20
CA GLU A 270 -18.76 -26.72 -36.83
C GLU A 270 -17.80 -26.48 -37.99
N MET A 271 -16.50 -26.81 -37.81
CA MET A 271 -15.47 -26.66 -38.84
C MET A 271 -15.72 -27.48 -40.10
N LEU A 272 -16.13 -28.75 -39.93
CA LEU A 272 -16.37 -29.66 -41.06
C LEU A 272 -17.75 -29.56 -41.71
N VAL A 273 -18.77 -29.19 -40.93
CA VAL A 273 -20.15 -29.12 -41.45
C VAL A 273 -20.52 -27.69 -41.87
N GLY A 274 -20.02 -26.68 -41.15
CA GLY A 274 -20.33 -25.28 -41.44
C GLY A 274 -21.35 -24.68 -40.49
N ASP A 275 -21.95 -25.52 -39.65
CA ASP A 275 -22.95 -25.15 -38.64
C ASP A 275 -22.70 -25.93 -37.37
N THR A 276 -23.19 -25.42 -36.24
CA THR A 276 -23.10 -26.09 -34.94
C THR A 276 -24.07 -27.30 -34.96
N PRO A 277 -23.77 -28.42 -34.26
CA PRO A 277 -24.65 -29.60 -34.38
C PRO A 277 -26.05 -29.48 -33.82
N PHE A 278 -26.24 -28.59 -32.85
CA PHE A 278 -27.53 -28.44 -32.20
C PHE A 278 -28.16 -27.08 -32.49
N TYR A 279 -27.81 -26.49 -33.66
CA TYR A 279 -28.33 -25.21 -34.10
C TYR A 279 -29.84 -25.28 -34.35
N ALA A 280 -30.54 -24.24 -33.93
CA ALA A 280 -31.96 -24.05 -34.14
C ALA A 280 -32.20 -22.56 -34.40
N ASP A 281 -33.33 -22.24 -35.04
CA ASP A 281 -33.74 -20.87 -35.37
C ASP A 281 -33.92 -19.96 -34.15
N SER A 282 -34.02 -20.54 -32.95
CA SER A 282 -34.16 -19.84 -31.67
C SER A 282 -33.25 -20.47 -30.63
N LEU A 283 -32.82 -19.68 -29.63
CA LEU A 283 -31.96 -20.12 -28.54
C LEU A 283 -32.59 -21.27 -27.73
N VAL A 284 -33.89 -21.15 -27.41
CA VAL A 284 -34.62 -22.17 -26.64
C VAL A 284 -34.66 -23.54 -27.38
N GLY A 285 -34.72 -23.52 -28.71
CA GLY A 285 -34.70 -24.71 -29.55
C GLY A 285 -33.33 -25.36 -29.59
N THR A 286 -32.25 -24.57 -29.44
CA THR A 286 -30.85 -25.03 -29.39
C THR A 286 -30.66 -25.80 -28.09
N TYR A 287 -31.26 -25.29 -26.99
CA TYR A 287 -31.28 -25.89 -25.65
C TYR A 287 -31.90 -27.30 -25.72
N SER A 288 -33.10 -27.40 -26.33
CA SER A 288 -33.87 -28.63 -26.53
C SER A 288 -33.08 -29.71 -27.28
N LYS A 289 -32.35 -29.28 -28.32
CA LYS A 289 -31.53 -30.16 -29.16
C LYS A 289 -30.31 -30.68 -28.40
N ILE A 290 -29.67 -29.84 -27.54
CA ILE A 290 -28.52 -30.29 -26.74
C ILE A 290 -29.00 -31.39 -25.80
N MET A 291 -30.10 -31.14 -25.08
CA MET A 291 -30.69 -32.09 -24.13
C MET A 291 -31.08 -33.41 -24.80
N ASN A 292 -31.47 -33.35 -26.08
CA ASN A 292 -31.84 -34.52 -26.89
C ASN A 292 -30.73 -34.87 -27.91
N HIS A 293 -29.45 -34.70 -27.50
CA HIS A 293 -28.29 -34.96 -28.37
C HIS A 293 -28.27 -36.38 -29.00
N LYS A 294 -28.74 -37.40 -28.26
CA LYS A 294 -28.78 -38.80 -28.72
C LYS A 294 -29.59 -38.98 -30.01
N ASN A 295 -30.59 -38.11 -30.25
CA ASN A 295 -31.44 -38.14 -31.43
C ASN A 295 -31.27 -36.96 -32.35
N SER A 296 -30.79 -35.81 -31.82
CA SER A 296 -30.61 -34.60 -32.61
C SER A 296 -29.28 -34.53 -33.37
N LEU A 297 -28.22 -35.26 -32.93
CA LEU A 297 -26.93 -35.25 -33.63
C LEU A 297 -27.05 -36.06 -34.93
N THR A 298 -26.91 -35.37 -36.06
CA THR A 298 -26.94 -35.95 -37.40
C THR A 298 -25.89 -35.27 -38.27
N PHE A 299 -25.46 -35.95 -39.34
CA PHE A 299 -24.49 -35.42 -40.28
C PHE A 299 -25.17 -35.31 -41.63
N PRO A 300 -24.93 -34.22 -42.40
CA PRO A 300 -25.60 -34.10 -43.72
C PRO A 300 -25.18 -35.20 -44.70
N ASP A 301 -26.06 -35.51 -45.67
CA ASP A 301 -25.77 -36.55 -46.67
C ASP A 301 -24.81 -36.02 -47.74
N ASP A 302 -23.56 -35.84 -47.30
CA ASP A 302 -22.41 -35.36 -48.06
C ASP A 302 -21.20 -36.06 -47.47
N ASN A 303 -20.63 -36.98 -48.26
CA ASN A 303 -19.48 -37.85 -47.97
C ASN A 303 -18.17 -37.11 -47.62
N ASP A 304 -18.23 -35.78 -47.45
CA ASP A 304 -17.09 -34.92 -47.13
C ASP A 304 -16.46 -35.22 -45.75
N ILE A 305 -17.26 -35.72 -44.79
CA ILE A 305 -16.76 -36.04 -43.44
C ILE A 305 -16.34 -37.52 -43.40
N SER A 306 -15.07 -37.76 -43.02
CA SER A 306 -14.49 -39.09 -42.93
C SER A 306 -15.06 -39.90 -41.75
N LYS A 307 -14.90 -41.24 -41.81
CA LYS A 307 -15.34 -42.18 -40.78
C LYS A 307 -14.73 -41.80 -39.43
N GLU A 308 -13.43 -41.44 -39.42
CA GLU A 308 -12.66 -41.04 -38.24
C GLU A 308 -13.08 -39.70 -37.63
N ALA A 309 -13.48 -38.72 -38.48
CA ALA A 309 -13.95 -37.42 -38.01
C ALA A 309 -15.32 -37.55 -37.35
N LYS A 310 -16.20 -38.40 -37.95
CA LYS A 310 -17.55 -38.71 -37.47
C LYS A 310 -17.43 -39.40 -36.10
N ASN A 311 -16.50 -40.38 -35.98
CA ASN A 311 -16.24 -41.15 -34.75
C ASN A 311 -15.83 -40.25 -33.59
N LEU A 312 -14.92 -39.27 -33.83
CA LEU A 312 -14.43 -38.32 -32.81
C LEU A 312 -15.58 -37.41 -32.33
N ILE A 313 -16.28 -36.75 -33.29
CA ILE A 313 -17.42 -35.89 -32.98
C ILE A 313 -18.40 -36.64 -32.07
N CYS A 314 -18.77 -37.89 -32.46
CA CYS A 314 -19.67 -38.74 -31.68
C CYS A 314 -19.09 -39.20 -30.35
N ALA A 315 -17.76 -39.44 -30.27
CA ALA A 315 -17.08 -39.84 -29.04
C ALA A 315 -17.08 -38.70 -28.01
N PHE A 316 -17.09 -37.44 -28.49
CA PHE A 316 -17.13 -36.24 -27.66
C PHE A 316 -18.56 -35.80 -27.37
N LEU A 317 -19.46 -35.92 -28.35
CA LEU A 317 -20.86 -35.47 -28.25
C LEU A 317 -21.78 -36.54 -27.66
N THR A 318 -21.43 -37.00 -26.45
CA THR A 318 -22.14 -38.02 -25.68
C THR A 318 -22.22 -37.66 -24.18
N ASP A 319 -22.90 -38.50 -23.36
CA ASP A 319 -23.03 -38.27 -21.91
C ASP A 319 -21.67 -38.41 -21.25
N ARG A 320 -21.35 -37.49 -20.33
CA ARG A 320 -20.04 -37.36 -19.65
C ARG A 320 -19.47 -38.70 -19.16
N GLU A 321 -20.32 -39.65 -18.75
CA GLU A 321 -19.93 -40.96 -18.23
C GLU A 321 -19.29 -41.91 -19.27
N VAL A 322 -19.50 -41.65 -20.58
CA VAL A 322 -18.93 -42.46 -21.68
C VAL A 322 -18.15 -41.60 -22.70
N ARG A 323 -17.94 -40.32 -22.35
CA ARG A 323 -17.27 -39.34 -23.19
C ARG A 323 -15.77 -39.56 -23.31
N LEU A 324 -15.22 -39.41 -24.54
CA LEU A 324 -13.78 -39.51 -24.80
C LEU A 324 -13.10 -38.35 -24.09
N GLY A 325 -12.21 -38.67 -23.17
CA GLY A 325 -11.49 -37.71 -22.34
C GLY A 325 -11.73 -37.93 -20.85
N ARG A 326 -12.69 -38.83 -20.50
CA ARG A 326 -13.02 -39.17 -19.11
C ARG A 326 -11.81 -39.84 -18.40
N ASN A 327 -10.97 -40.55 -19.18
CA ASN A 327 -9.78 -41.26 -18.72
C ASN A 327 -8.47 -40.48 -18.93
N GLY A 328 -8.56 -39.26 -19.50
CA GLY A 328 -7.43 -38.39 -19.76
C GLY A 328 -7.26 -37.97 -21.20
N VAL A 329 -6.19 -37.21 -21.48
CA VAL A 329 -5.86 -36.73 -22.82
C VAL A 329 -5.33 -37.80 -23.76
N GLU A 330 -4.55 -38.76 -23.25
CA GLU A 330 -3.95 -39.78 -24.11
C GLU A 330 -4.97 -40.58 -24.91
N GLU A 331 -6.18 -40.81 -24.36
CA GLU A 331 -7.21 -41.51 -25.14
C GLU A 331 -7.73 -40.64 -26.31
N ILE A 332 -7.68 -39.29 -26.16
CA ILE A 332 -8.05 -38.34 -27.22
C ILE A 332 -6.94 -38.33 -28.27
N LYS A 333 -5.68 -38.14 -27.82
CA LYS A 333 -4.46 -38.09 -28.64
C LYS A 333 -4.28 -39.33 -29.52
N ARG A 334 -4.63 -40.52 -28.98
CA ARG A 334 -4.54 -41.81 -29.68
C ARG A 334 -5.67 -42.05 -30.68
N HIS A 335 -6.67 -41.13 -30.77
CA HIS A 335 -7.80 -41.31 -31.70
C HIS A 335 -7.30 -41.34 -33.12
N LEU A 336 -7.82 -42.27 -33.93
CA LEU A 336 -7.43 -42.46 -35.32
C LEU A 336 -7.63 -41.22 -36.19
N PHE A 337 -8.46 -40.25 -35.73
CA PHE A 337 -8.68 -39.00 -36.46
C PHE A 337 -7.39 -38.20 -36.59
N PHE A 338 -6.56 -38.23 -35.53
CA PHE A 338 -5.31 -37.48 -35.49
C PHE A 338 -4.15 -38.19 -36.20
N LYS A 339 -4.37 -39.40 -36.77
CA LYS A 339 -3.33 -40.13 -37.49
C LYS A 339 -2.97 -39.36 -38.77
N ASN A 340 -1.71 -38.91 -38.85
CA ASN A 340 -1.20 -38.16 -40.00
C ASN A 340 0.34 -38.29 -40.18
N ASP A 341 0.87 -37.72 -41.28
CA ASP A 341 2.29 -37.71 -41.63
C ASP A 341 2.88 -36.28 -41.76
N GLN A 342 2.14 -35.28 -41.27
CA GLN A 342 2.59 -33.88 -41.33
C GLN A 342 3.18 -33.40 -40.00
N TRP A 343 2.60 -33.86 -38.87
CA TRP A 343 3.03 -33.46 -37.53
C TRP A 343 2.93 -34.57 -36.47
N ALA A 344 3.51 -34.30 -35.29
CA ALA A 344 3.47 -35.15 -34.10
C ALA A 344 3.06 -34.25 -32.92
N TRP A 345 2.28 -34.79 -31.98
CA TRP A 345 1.78 -34.05 -30.80
C TRP A 345 2.82 -33.21 -30.07
N GLU A 346 4.01 -33.77 -29.84
CA GLU A 346 5.10 -33.12 -29.11
C GLU A 346 5.80 -32.00 -29.88
N THR A 347 5.72 -32.03 -31.21
CA THR A 347 6.39 -31.06 -32.07
C THR A 347 5.42 -30.23 -32.94
N LEU A 348 4.09 -30.32 -32.69
CA LEU A 348 3.01 -29.68 -33.46
C LEU A 348 3.15 -28.17 -33.63
N ARG A 349 3.41 -27.42 -32.54
CA ARG A 349 3.54 -25.97 -32.61
C ARG A 349 4.81 -25.48 -33.34
N ASP A 350 5.68 -26.40 -33.75
CA ASP A 350 6.90 -26.09 -34.48
C ASP A 350 6.71 -26.28 -35.98
N THR A 351 5.60 -26.93 -36.39
CA THR A 351 5.27 -27.18 -37.79
C THR A 351 4.66 -25.95 -38.43
N VAL A 352 4.65 -25.88 -39.77
CA VAL A 352 4.07 -24.76 -40.50
C VAL A 352 2.52 -24.88 -40.49
N ALA A 353 1.86 -23.86 -39.92
CA ALA A 353 0.41 -23.80 -39.74
C ALA A 353 -0.35 -23.75 -41.07
N PRO A 354 -1.61 -24.28 -41.15
CA PRO A 354 -2.35 -24.27 -42.42
C PRO A 354 -2.59 -22.90 -43.05
N VAL A 355 -2.76 -21.85 -42.22
CA VAL A 355 -2.95 -20.48 -42.68
C VAL A 355 -1.90 -19.62 -41.94
N VAL A 356 -0.86 -19.18 -42.66
CA VAL A 356 0.16 -18.32 -42.08
C VAL A 356 -0.26 -16.90 -42.42
N PRO A 357 -0.68 -16.07 -41.42
CA PRO A 357 -1.15 -14.71 -41.75
C PRO A 357 -0.16 -13.87 -42.54
N ASP A 358 -0.68 -13.13 -43.53
CA ASP A 358 0.13 -12.22 -44.35
C ASP A 358 -0.21 -10.84 -43.84
N LEU A 359 0.73 -10.27 -43.06
CA LEU A 359 0.57 -8.99 -42.38
C LEU A 359 1.45 -7.89 -42.96
N SER A 360 0.84 -6.71 -43.15
CA SER A 360 1.48 -5.52 -43.71
C SER A 360 2.38 -4.78 -42.71
N SER A 361 1.99 -4.77 -41.41
CA SER A 361 2.74 -4.10 -40.34
C SER A 361 2.48 -4.74 -38.98
N ASP A 362 3.14 -4.23 -37.92
CA ASP A 362 2.99 -4.68 -36.54
C ASP A 362 1.63 -4.25 -35.96
N ILE A 363 0.95 -3.28 -36.63
CA ILE A 363 -0.36 -2.77 -36.22
C ILE A 363 -1.48 -3.16 -37.25
N ASP A 364 -1.28 -4.29 -37.97
CA ASP A 364 -2.23 -4.82 -38.94
C ASP A 364 -3.42 -5.43 -38.20
N THR A 365 -4.65 -5.01 -38.54
CA THR A 365 -5.89 -5.52 -37.93
C THR A 365 -6.87 -6.13 -38.95
N SER A 366 -6.36 -6.56 -40.13
CA SER A 366 -7.16 -7.13 -41.23
C SER A 366 -7.96 -8.39 -40.85
N ASN A 367 -7.55 -9.12 -39.80
CA ASN A 367 -8.21 -10.33 -39.31
C ASN A 367 -9.19 -10.04 -38.15
N PHE A 368 -9.48 -8.73 -37.93
CA PHE A 368 -10.40 -8.24 -36.92
C PHE A 368 -11.47 -7.34 -37.57
N ASP A 369 -12.76 -7.64 -37.32
CA ASP A 369 -13.89 -6.88 -37.88
C ASP A 369 -13.89 -5.44 -37.43
N ASP A 370 -14.33 -4.53 -38.32
CA ASP A 370 -14.36 -3.10 -38.04
C ASP A 370 -15.43 -2.73 -37.03
N LEU A 371 -15.01 -1.94 -36.01
CA LEU A 371 -15.83 -1.43 -34.90
C LEU A 371 -15.64 0.08 -34.75
N GLU A 378 -19.30 7.23 -21.69
CA GLU A 378 -19.37 6.08 -20.79
C GLU A 378 -20.13 6.42 -19.51
N GLU A 379 -20.94 5.46 -19.01
CA GLU A 379 -21.75 5.60 -17.79
C GLU A 379 -20.84 5.70 -16.55
N THR A 380 -20.89 6.86 -15.89
CA THR A 380 -20.08 7.17 -14.71
C THR A 380 -20.85 6.87 -13.40
N PHE A 381 -20.12 6.40 -12.36
CA PHE A 381 -20.67 6.10 -11.03
C PHE A 381 -21.34 7.34 -10.43
N PRO A 382 -22.49 7.21 -9.73
CA PRO A 382 -23.07 8.40 -9.09
C PRO A 382 -22.22 8.84 -7.89
N ILE A 383 -22.31 10.15 -7.53
CA ILE A 383 -21.57 10.72 -6.41
C ILE A 383 -22.16 10.18 -5.09
N PRO A 384 -21.37 9.43 -4.28
CA PRO A 384 -21.94 8.87 -3.04
C PRO A 384 -22.13 9.88 -1.91
N LYS A 385 -23.19 9.67 -1.12
CA LYS A 385 -23.53 10.52 0.03
C LYS A 385 -22.83 9.99 1.29
N ALA A 386 -22.47 8.69 1.28
CA ALA A 386 -21.76 7.97 2.35
C ALA A 386 -20.70 7.03 1.73
N PHE A 387 -19.87 6.37 2.56
CA PHE A 387 -18.86 5.45 2.04
C PHE A 387 -19.54 4.20 1.49
N VAL A 388 -19.26 3.88 0.21
CA VAL A 388 -19.84 2.71 -0.48
C VAL A 388 -18.75 1.71 -0.85
N GLY A 389 -17.53 2.20 -1.07
CA GLY A 389 -16.36 1.39 -1.39
C GLY A 389 -16.40 0.64 -2.71
N ASN A 390 -16.86 1.31 -3.79
CA ASN A 390 -16.95 0.73 -5.13
C ASN A 390 -15.62 0.27 -5.73
N GLN A 391 -14.48 0.80 -5.21
CA GLN A 391 -13.15 0.45 -5.70
C GLN A 391 -12.52 -0.76 -4.96
N LEU A 392 -13.08 -1.13 -3.79
CA LEU A 392 -12.63 -2.26 -2.95
C LEU A 392 -12.58 -3.63 -3.67
N PRO A 393 -13.59 -4.08 -4.46
CA PRO A 393 -13.46 -5.39 -5.14
C PRO A 393 -12.38 -5.51 -6.24
N PHE A 394 -11.69 -4.40 -6.55
CA PHE A 394 -10.66 -4.37 -7.59
C PHE A 394 -9.21 -4.25 -7.02
N VAL A 395 -9.08 -4.11 -5.68
CA VAL A 395 -7.80 -3.97 -4.98
C VAL A 395 -6.99 -5.27 -5.17
N GLY A 396 -5.77 -5.12 -5.69
CA GLY A 396 -4.86 -6.24 -5.91
C GLY A 396 -4.81 -6.75 -7.35
N PHE A 397 -5.51 -6.06 -8.27
CA PHE A 397 -5.57 -6.41 -9.69
C PHE A 397 -4.29 -6.07 -10.44
N THR A 398 -3.60 -4.99 -10.00
CA THR A 398 -2.38 -4.50 -10.64
C THR A 398 -1.29 -5.55 -10.65
N TYR A 399 -0.73 -5.77 -11.85
CA TYR A 399 0.40 -6.62 -12.16
C TYR A 399 1.44 -5.69 -12.85
N TYR A 400 2.34 -5.08 -12.04
CA TYR A 400 3.34 -4.10 -12.50
C TYR A 400 4.59 -4.03 -11.60
N SER A 401 4.43 -3.60 -10.32
CA SER A 401 5.53 -3.45 -9.36
C SER A 401 6.11 -4.78 -8.86
N ASN A 402 5.31 -5.87 -8.88
CA ASN A 402 5.73 -7.20 -8.43
C ASN A 402 5.34 -8.25 -9.45
N ARG A 403 6.08 -8.32 -10.55
CA ARG A 403 5.79 -9.32 -11.59
C ARG A 403 6.79 -10.46 -11.53
N ARG A 404 6.46 -11.59 -12.16
CA ARG A 404 7.31 -12.76 -12.25
C ARG A 404 8.14 -12.63 -13.53
N TYR A 405 9.43 -12.93 -13.47
CA TYR A 405 10.32 -12.82 -14.63
C TYR A 405 11.03 -14.17 -14.85
N MET B 5 10.83 11.36 -19.66
CA MET B 5 11.56 10.26 -19.05
C MET B 5 11.09 8.90 -19.57
N SER B 6 12.03 7.94 -19.65
CA SER B 6 11.81 6.60 -20.16
C SER B 6 10.91 5.76 -19.24
N PHE B 7 10.42 4.61 -19.77
CA PHE B 7 9.58 3.65 -19.05
C PHE B 7 10.34 3.05 -17.85
N GLU B 8 11.63 2.72 -18.07
CA GLU B 8 12.53 2.14 -17.07
C GLU B 8 12.76 3.12 -15.90
N THR B 9 13.03 4.41 -16.22
CA THR B 9 13.23 5.50 -15.26
C THR B 9 11.97 5.64 -14.39
N ARG B 10 10.77 5.63 -15.01
CA ARG B 10 9.47 5.71 -14.33
C ARG B 10 9.25 4.50 -13.41
N PHE B 11 9.63 3.30 -13.87
CA PHE B 11 9.51 2.07 -13.09
C PHE B 11 10.45 2.09 -11.86
N GLU B 12 11.70 2.46 -12.09
CA GLU B 12 12.68 2.54 -11.02
C GLU B 12 12.34 3.61 -10.01
N LYS B 13 11.99 4.80 -10.47
CA LYS B 13 11.62 5.90 -9.55
C LYS B 13 10.53 5.44 -8.61
N MET B 14 9.53 4.68 -9.13
CA MET B 14 8.42 4.10 -8.38
C MET B 14 8.95 3.04 -7.40
N ASP B 15 9.94 2.24 -7.85
CA ASP B 15 10.56 1.21 -7.02
C ASP B 15 11.35 1.80 -5.85
N ASN B 16 12.06 2.93 -6.08
CA ASN B 16 12.82 3.62 -5.04
C ASN B 16 11.90 4.19 -3.99
N LEU B 17 10.73 4.72 -4.40
CA LEU B 17 9.67 5.27 -3.54
C LEU B 17 9.14 4.25 -2.53
N LEU B 18 9.04 2.98 -2.94
CA LEU B 18 8.57 1.86 -2.10
C LEU B 18 9.60 1.44 -1.06
N ARG B 19 10.86 1.80 -1.29
CA ARG B 19 12.03 1.42 -0.49
C ARG B 19 12.57 2.55 0.42
N ASP B 20 12.43 3.82 -0.03
CA ASP B 20 12.90 5.04 0.64
C ASP B 20 12.30 5.21 2.02
N PRO B 21 13.15 5.27 3.07
CA PRO B 21 12.62 5.47 4.44
C PRO B 21 11.93 6.82 4.67
N LYS B 22 12.19 7.82 3.82
CA LYS B 22 11.59 9.17 3.92
C LYS B 22 10.35 9.35 3.02
N SER B 23 9.97 8.27 2.31
CA SER B 23 8.83 8.29 1.39
C SER B 23 7.51 8.02 2.10
N GLU B 24 6.45 8.74 1.69
CA GLU B 24 5.10 8.59 2.24
C GLU B 24 4.40 7.33 1.72
N VAL B 25 4.96 6.71 0.65
CA VAL B 25 4.44 5.50 0.01
C VAL B 25 5.41 4.31 0.05
N ASN B 26 6.26 4.21 1.07
CA ASN B 26 7.14 3.05 1.19
C ASN B 26 6.31 1.90 1.78
N SER B 27 6.85 0.66 1.79
CA SER B 27 6.15 -0.52 2.28
C SER B 27 5.49 -0.36 3.67
N ASP B 28 6.16 0.31 4.63
CA ASP B 28 5.64 0.54 5.98
C ASP B 28 4.37 1.41 6.00
N CYS B 29 4.32 2.50 5.20
CA CYS B 29 3.17 3.40 5.08
C CYS B 29 2.01 2.75 4.34
N LEU B 30 2.33 1.94 3.32
CA LEU B 30 1.33 1.23 2.52
C LEU B 30 0.66 0.12 3.32
N LEU B 31 1.43 -0.58 4.18
CA LEU B 31 0.91 -1.61 5.08
C LEU B 31 0.03 -0.96 6.14
N ASP B 32 0.37 0.28 6.56
CA ASP B 32 -0.39 1.09 7.52
C ASP B 32 -1.75 1.42 6.93
N GLY B 33 -1.76 1.75 5.63
CA GLY B 33 -2.96 2.11 4.89
C GLY B 33 -4.03 1.04 4.89
N LEU B 34 -3.59 -0.20 4.64
CA LEU B 34 -4.43 -1.39 4.60
C LEU B 34 -4.86 -1.80 6.01
N ASP B 35 -3.92 -1.74 6.99
CA ASP B 35 -4.16 -2.06 8.41
C ASP B 35 -5.24 -1.15 9.00
N ALA B 36 -5.19 0.16 8.66
CA ALA B 36 -6.14 1.18 9.09
C ALA B 36 -7.50 0.95 8.46
N LEU B 37 -7.51 0.68 7.14
CA LEU B 37 -8.73 0.40 6.36
C LEU B 37 -9.48 -0.80 6.95
N VAL B 38 -8.78 -1.90 7.26
CA VAL B 38 -9.34 -3.12 7.86
C VAL B 38 -9.89 -2.84 9.28
N TYR B 39 -9.18 -2.04 10.13
CA TYR B 39 -9.64 -1.68 11.49
C TYR B 39 -10.94 -0.84 11.40
N ASP B 40 -10.94 0.20 10.54
CA ASP B 40 -12.02 1.16 10.35
C ASP B 40 -13.27 0.60 9.65
N LEU B 41 -13.15 -0.52 8.92
CA LEU B 41 -14.28 -1.13 8.22
C LEU B 41 -14.91 -2.31 8.96
N ASP B 42 -14.10 -3.06 9.78
CA ASP B 42 -14.59 -4.25 10.48
C ASP B 42 -15.55 -3.94 11.65
N PHE B 43 -16.82 -3.66 11.29
CA PHE B 43 -17.92 -3.37 12.21
C PHE B 43 -19.20 -3.91 11.59
N PRO B 44 -20.13 -4.51 12.39
CA PRO B 44 -21.33 -5.13 11.79
C PRO B 44 -22.17 -4.23 10.88
N ALA B 45 -22.34 -2.94 11.25
CA ALA B 45 -23.11 -1.93 10.50
C ALA B 45 -22.55 -1.69 9.09
N LEU B 46 -21.22 -1.51 8.98
CA LEU B 46 -20.53 -1.27 7.71
C LEU B 46 -20.45 -2.55 6.86
N ARG B 47 -20.34 -3.71 7.54
CA ARG B 47 -20.28 -5.05 6.92
C ARG B 47 -21.58 -5.42 6.19
N LYS B 48 -22.66 -4.61 6.35
CA LYS B 48 -23.93 -4.78 5.64
C LYS B 48 -23.73 -4.49 4.16
N ASN B 49 -22.71 -3.66 3.84
CA ASN B 49 -22.30 -3.30 2.47
C ASN B 49 -21.42 -4.45 1.96
N LYS B 50 -21.86 -5.11 0.86
CA LYS B 50 -21.12 -6.24 0.30
C LYS B 50 -19.71 -5.90 -0.17
N ASN B 51 -19.47 -4.65 -0.67
CA ASN B 51 -18.14 -4.21 -1.09
C ASN B 51 -17.18 -4.29 0.09
N ILE B 52 -17.62 -3.78 1.27
CA ILE B 52 -16.88 -3.78 2.53
C ILE B 52 -16.73 -5.21 3.07
N ASP B 53 -17.84 -5.96 3.19
CA ASP B 53 -17.89 -7.34 3.68
C ASP B 53 -16.98 -8.28 2.90
N ASN B 54 -17.10 -8.29 1.55
CA ASN B 54 -16.27 -9.14 0.67
C ASN B 54 -14.80 -8.82 0.76
N PHE B 55 -14.46 -7.51 0.86
CA PHE B 55 -13.08 -7.04 0.98
C PHE B 55 -12.43 -7.59 2.25
N LEU B 56 -13.11 -7.39 3.40
CA LEU B 56 -12.64 -7.85 4.71
C LEU B 56 -12.45 -9.36 4.77
N SER B 57 -13.35 -10.14 4.15
CA SER B 57 -13.26 -11.60 4.09
C SER B 57 -12.04 -12.02 3.27
N ARG B 58 -11.84 -11.35 2.11
CA ARG B 58 -10.74 -11.57 1.17
C ARG B 58 -9.37 -11.29 1.82
N TYR B 59 -9.28 -10.26 2.68
CA TYR B 59 -8.05 -9.85 3.37
C TYR B 59 -7.94 -10.30 4.83
N LYS B 60 -8.85 -11.20 5.31
CA LYS B 60 -8.89 -11.70 6.69
C LYS B 60 -7.60 -12.43 7.12
N ASP B 61 -7.27 -13.56 6.47
CA ASP B 61 -6.11 -14.40 6.77
C ASP B 61 -4.78 -13.65 6.64
N THR B 62 -4.68 -12.81 5.59
CA THR B 62 -3.52 -11.99 5.24
C THR B 62 -3.25 -10.91 6.30
N ILE B 63 -4.31 -10.23 6.80
CA ILE B 63 -4.19 -9.17 7.81
C ILE B 63 -3.77 -9.74 9.18
N ASN B 64 -4.20 -10.98 9.48
CA ASN B 64 -3.84 -11.65 10.73
C ASN B 64 -2.35 -12.03 10.76
N LYS B 65 -1.82 -12.44 9.60
CA LYS B 65 -0.41 -12.78 9.42
C LYS B 65 0.46 -11.52 9.49
N ILE B 66 0.04 -10.44 8.79
CA ILE B 66 0.68 -9.12 8.76
C ILE B 66 0.82 -8.58 10.18
N ARG B 67 -0.29 -8.58 10.96
CA ARG B 67 -0.34 -8.11 12.35
C ARG B 67 0.57 -8.91 13.30
N ASP B 68 0.72 -10.23 13.02
CA ASP B 68 1.56 -11.12 13.80
C ASP B 68 3.04 -10.91 13.48
N LEU B 69 3.40 -10.74 12.19
CA LEU B 69 4.78 -10.58 11.75
C LEU B 69 5.39 -9.20 12.02
N ARG B 70 4.60 -8.12 11.82
CA ARG B 70 5.05 -6.75 12.04
C ARG B 70 5.33 -6.51 13.53
N MET B 71 6.20 -5.50 13.83
CA MET B 71 6.56 -5.11 15.19
C MET B 71 5.31 -4.72 15.96
N LYS B 72 5.18 -5.21 17.20
CA LYS B 72 4.04 -5.00 18.08
C LYS B 72 4.49 -4.79 19.53
N ALA B 73 3.59 -4.25 20.37
CA ALA B 73 3.85 -3.97 21.80
C ALA B 73 4.33 -5.20 22.59
N GLU B 74 3.70 -6.37 22.35
CA GLU B 74 4.02 -7.63 23.04
C GLU B 74 5.42 -8.20 22.71
N ASP B 75 6.19 -7.52 21.82
CA ASP B 75 7.57 -7.89 21.51
C ASP B 75 8.48 -7.26 22.57
N TYR B 76 7.94 -6.28 23.32
CA TYR B 76 8.63 -5.51 24.35
C TYR B 76 8.17 -5.81 25.78
N GLU B 77 9.16 -6.07 26.66
CA GLU B 77 9.03 -6.32 28.09
C GLU B 77 9.22 -4.97 28.80
N VAL B 78 8.14 -4.43 29.40
CA VAL B 78 8.18 -3.12 30.08
C VAL B 78 8.82 -3.27 31.47
N VAL B 79 10.01 -2.65 31.64
CA VAL B 79 10.84 -2.68 32.84
C VAL B 79 10.30 -1.70 33.90
N LYS B 80 10.07 -0.44 33.51
CA LYS B 80 9.55 0.63 34.39
C LYS B 80 8.95 1.77 33.57
N VAL B 81 7.92 2.46 34.10
CA VAL B 81 7.34 3.65 33.47
C VAL B 81 8.18 4.83 33.99
N ILE B 82 8.83 5.57 33.06
CA ILE B 82 9.72 6.69 33.41
C ILE B 82 9.12 8.08 33.13
N GLY B 83 8.01 8.11 32.38
CA GLY B 83 7.29 9.33 32.03
C GLY B 83 5.81 9.07 31.82
N ARG B 84 4.96 10.05 32.17
CA ARG B 84 3.50 9.93 32.04
C ARG B 84 2.83 11.30 31.83
N GLY B 85 1.88 11.32 30.91
CA GLY B 85 1.07 12.49 30.55
C GLY B 85 -0.34 12.05 30.19
N ALA B 86 -1.20 13.01 29.82
CA ALA B 86 -2.57 12.72 29.43
C ALA B 86 -2.61 12.03 28.05
N PHE B 87 -1.71 12.47 27.15
CA PHE B 87 -1.61 11.94 25.78
C PHE B 87 -0.88 10.62 25.67
N GLY B 88 -0.26 10.15 26.76
CA GLY B 88 0.43 8.87 26.78
C GLY B 88 1.48 8.71 27.87
N GLU B 89 2.44 7.80 27.64
CA GLU B 89 3.51 7.53 28.61
C GLU B 89 4.82 7.07 27.95
N VAL B 90 5.94 7.26 28.68
CA VAL B 90 7.29 6.86 28.25
C VAL B 90 7.71 5.73 29.19
N GLN B 91 8.22 4.63 28.64
CA GLN B 91 8.62 3.49 29.48
C GLN B 91 9.92 2.85 29.07
N LEU B 92 10.72 2.43 30.06
CA LEU B 92 11.96 1.73 29.82
C LEU B 92 11.55 0.29 29.47
N VAL B 93 11.84 -0.14 28.23
CA VAL B 93 11.49 -1.47 27.73
C VAL B 93 12.71 -2.28 27.33
N ARG B 94 12.52 -3.60 27.15
CA ARG B 94 13.54 -4.53 26.68
C ARG B 94 12.89 -5.40 25.60
N HIS B 95 13.44 -5.38 24.38
CA HIS B 95 12.94 -6.19 23.26
C HIS B 95 13.21 -7.65 23.61
N LYS B 96 12.13 -8.45 23.77
CA LYS B 96 12.18 -9.86 24.19
C LYS B 96 13.13 -10.73 23.37
N SER B 97 13.18 -10.56 22.03
CA SER B 97 14.05 -11.34 21.14
C SER B 97 15.52 -10.91 21.22
N THR B 98 15.83 -9.66 20.83
CA THR B 98 17.20 -9.12 20.77
C THR B 98 17.82 -8.88 22.16
N ARG B 99 16.98 -8.72 23.21
CA ARG B 99 17.33 -8.42 24.61
C ARG B 99 17.88 -7.00 24.77
N LYS B 100 17.68 -6.16 23.72
CA LYS B 100 18.12 -4.77 23.66
C LYS B 100 17.24 -3.83 24.48
N VAL B 101 17.88 -2.89 25.17
CA VAL B 101 17.21 -1.93 26.04
C VAL B 101 16.89 -0.62 25.30
N TYR B 102 15.63 -0.18 25.39
CA TYR B 102 15.17 1.04 24.74
C TYR B 102 14.21 1.83 25.63
N ALA B 103 13.93 3.07 25.22
CA ALA B 103 12.93 3.93 25.82
C ALA B 103 11.79 3.93 24.80
N MET B 104 10.56 3.65 25.24
CA MET B 104 9.43 3.60 24.33
C MET B 104 8.35 4.60 24.73
N LYS B 105 8.06 5.55 23.80
CA LYS B 105 7.02 6.56 23.99
C LYS B 105 5.74 6.09 23.30
N LEU B 106 4.66 6.01 24.09
CA LEU B 106 3.31 5.62 23.66
C LEU B 106 2.44 6.86 23.61
N LEU B 107 1.63 7.00 22.55
CA LEU B 107 0.69 8.11 22.38
C LEU B 107 -0.70 7.57 22.11
N SER B 108 -1.66 7.90 23.00
CA SER B 108 -3.05 7.47 22.93
C SER B 108 -3.81 8.04 21.74
N LYS B 109 -4.23 7.15 20.82
CA LYS B 109 -5.02 7.50 19.63
C LYS B 109 -6.41 8.01 20.05
N PHE B 110 -6.98 7.43 21.13
CA PHE B 110 -8.28 7.90 21.64
C PHE B 110 -8.17 9.33 22.13
N GLU B 111 -7.13 9.65 22.91
CA GLU B 111 -6.88 10.99 23.43
C GLU B 111 -6.62 11.99 22.31
N MET B 112 -5.86 11.60 21.27
CA MET B 112 -5.55 12.46 20.13
C MET B 112 -6.81 12.82 19.29
N ILE B 113 -7.74 11.86 19.14
CA ILE B 113 -9.00 12.05 18.40
C ILE B 113 -9.98 12.91 19.22
N LYS B 114 -10.20 12.52 20.50
CA LYS B 114 -11.08 13.18 21.46
C LYS B 114 -10.75 14.66 21.60
N ARG B 115 -9.46 14.98 21.83
CA ARG B 115 -8.95 16.34 22.03
C ARG B 115 -8.73 17.13 20.73
N SER B 116 -9.03 16.51 19.56
CA SER B 116 -8.86 17.09 18.22
C SER B 116 -7.42 17.60 17.98
N ASP B 117 -6.43 16.80 18.45
CA ASP B 117 -4.99 17.09 18.34
C ASP B 117 -4.26 15.80 17.94
N SER B 118 -4.28 15.49 16.63
CA SER B 118 -3.69 14.26 16.09
C SER B 118 -2.78 14.52 14.87
N ALA B 119 -1.82 15.47 14.96
CA ALA B 119 -0.88 15.80 13.87
C ALA B 119 0.47 16.38 14.35
N PHE B 120 0.72 16.36 15.67
CA PHE B 120 1.91 16.93 16.34
C PHE B 120 3.13 15.99 16.36
N PHE B 121 2.87 14.68 16.30
CA PHE B 121 3.86 13.60 16.37
C PHE B 121 4.73 13.40 15.12
N TRP B 122 4.32 13.97 13.96
CA TRP B 122 5.05 13.82 12.71
C TRP B 122 6.46 14.35 12.75
N GLU B 123 6.61 15.58 13.27
CA GLU B 123 7.89 16.26 13.40
C GLU B 123 8.78 15.56 14.42
N GLU B 124 8.20 14.99 15.50
CA GLU B 124 8.94 14.22 16.51
C GLU B 124 9.48 12.91 15.90
N ARG B 125 8.65 12.26 15.06
CA ARG B 125 9.02 11.03 14.34
C ARG B 125 10.20 11.32 13.40
N ASP B 126 10.07 12.35 12.54
CA ASP B 126 11.07 12.73 11.54
C ASP B 126 12.38 13.19 12.12
N ILE B 127 12.34 14.04 13.17
CA ILE B 127 13.53 14.59 13.83
C ILE B 127 14.36 13.44 14.39
N MET B 128 13.74 12.59 15.21
CA MET B 128 14.43 11.47 15.85
C MET B 128 14.87 10.40 14.86
N ALA B 129 14.07 10.16 13.80
CA ALA B 129 14.40 9.13 12.81
C ALA B 129 15.51 9.52 11.86
N PHE B 130 15.57 10.80 11.44
CA PHE B 130 16.52 11.23 10.41
C PHE B 130 17.56 12.28 10.80
N ALA B 131 17.58 12.74 12.06
CA ALA B 131 18.54 13.76 12.48
C ALA B 131 19.98 13.32 12.34
N ASN B 132 20.27 12.06 12.73
CA ASN B 132 21.61 11.46 12.73
C ASN B 132 22.60 12.49 13.29
N SER B 133 22.26 12.98 14.51
CA SER B 133 22.99 14.00 15.25
C SER B 133 23.24 13.52 16.66
N PRO B 134 24.46 13.71 17.20
CA PRO B 134 24.69 13.32 18.60
C PRO B 134 23.89 14.15 19.61
N TRP B 135 23.18 15.19 19.14
CA TRP B 135 22.37 16.10 19.95
C TRP B 135 20.88 15.73 19.95
N VAL B 136 20.48 14.74 19.15
CA VAL B 136 19.09 14.33 19.06
C VAL B 136 18.94 12.86 19.42
N VAL B 137 17.99 12.53 20.32
CA VAL B 137 17.67 11.15 20.72
C VAL B 137 17.25 10.43 19.45
N GLN B 138 17.84 9.26 19.21
CA GLN B 138 17.59 8.46 18.02
C GLN B 138 16.32 7.65 18.11
N LEU B 139 15.60 7.55 16.97
CA LEU B 139 14.40 6.73 16.81
C LEU B 139 14.88 5.48 16.04
N PHE B 140 14.70 4.30 16.65
CA PHE B 140 15.09 3.03 16.03
C PHE B 140 13.91 2.44 15.28
N TYR B 141 12.73 2.44 15.89
CA TYR B 141 11.51 1.93 15.27
C TYR B 141 10.33 2.76 15.71
N ALA B 142 9.34 2.88 14.85
CA ALA B 142 8.07 3.53 15.15
C ALA B 142 7.03 2.59 14.59
N PHE B 143 6.02 2.25 15.40
CA PHE B 143 4.96 1.33 15.01
C PHE B 143 3.65 1.74 15.65
N GLN B 144 2.58 0.97 15.39
CA GLN B 144 1.23 1.28 15.88
C GLN B 144 0.27 0.08 15.80
N ASP B 145 -0.84 0.19 16.56
CA ASP B 145 -2.00 -0.70 16.58
C ASP B 145 -3.24 0.23 16.63
N ASP B 146 -4.45 -0.31 16.75
CA ASP B 146 -5.68 0.48 16.80
C ASP B 146 -5.77 1.46 18.00
N ARG B 147 -4.93 1.25 19.05
CA ARG B 147 -4.95 2.04 20.28
C ARG B 147 -3.82 3.06 20.48
N TYR B 148 -2.57 2.70 20.13
CA TYR B 148 -1.41 3.58 20.37
C TYR B 148 -0.46 3.73 19.21
N LEU B 149 0.37 4.79 19.30
CA LEU B 149 1.51 5.09 18.44
C LEU B 149 2.69 4.76 19.35
N TYR B 150 3.72 4.11 18.81
CA TYR B 150 4.90 3.73 19.59
C TYR B 150 6.18 4.25 18.95
N MET B 151 7.11 4.76 19.78
CA MET B 151 8.39 5.28 19.32
C MET B 151 9.49 4.65 20.15
N VAL B 152 10.23 3.71 19.55
CA VAL B 152 11.32 2.98 20.19
C VAL B 152 12.61 3.76 19.97
N MET B 153 13.14 4.36 21.05
CA MET B 153 14.30 5.23 21.05
C MET B 153 15.44 4.74 21.91
N GLU B 154 16.63 5.35 21.72
CA GLU B 154 17.83 5.13 22.53
C GLU B 154 17.53 5.68 23.93
N TYR B 155 17.78 4.87 24.97
CA TYR B 155 17.55 5.24 26.36
C TYR B 155 18.65 6.19 26.84
N MET B 156 18.24 7.28 27.53
CA MET B 156 19.11 8.32 28.09
C MET B 156 19.15 8.09 29.61
N PRO B 157 20.09 7.25 30.11
CA PRO B 157 20.06 6.88 31.55
C PRO B 157 20.36 7.98 32.57
N GLY B 158 20.99 9.06 32.13
CA GLY B 158 21.37 10.19 32.98
C GLY B 158 20.23 11.09 33.42
N GLY B 159 19.01 10.83 32.93
CA GLY B 159 17.84 11.62 33.28
C GLY B 159 17.81 12.97 32.59
N ASP B 160 16.91 13.86 33.00
CA ASP B 160 16.78 15.19 32.39
C ASP B 160 17.37 16.32 33.25
N LEU B 161 17.28 17.58 32.76
CA LEU B 161 17.79 18.76 33.43
C LEU B 161 16.91 19.22 34.61
N VAL B 162 15.63 18.79 34.68
CA VAL B 162 14.77 19.09 35.82
C VAL B 162 15.35 18.33 37.05
N ASN B 163 15.72 17.06 36.84
CA ASN B 163 16.31 16.21 37.87
C ASN B 163 17.66 16.79 38.32
N LEU B 164 18.53 17.20 37.37
CA LEU B 164 19.84 17.77 37.70
C LEU B 164 19.70 19.04 38.53
N MET B 165 18.85 19.99 38.09
CA MET B 165 18.63 21.28 38.75
C MET B 165 18.05 21.14 40.14
N SER B 166 17.24 20.10 40.37
CA SER B 166 16.62 19.83 41.66
C SER B 166 17.61 19.27 42.68
N ASN B 167 18.67 18.60 42.21
CA ASN B 167 19.68 18.03 43.10
C ASN B 167 20.97 18.86 43.29
N TYR B 168 21.17 19.87 42.45
CA TYR B 168 22.36 20.72 42.54
C TYR B 168 22.05 22.20 42.45
N ASP B 169 22.85 23.04 43.15
CA ASP B 169 22.77 24.49 42.98
C ASP B 169 23.79 24.66 41.86
N VAL B 170 23.31 24.75 40.63
CA VAL B 170 24.15 24.75 39.43
C VAL B 170 25.19 25.88 39.42
N PRO B 171 26.50 25.53 39.48
CA PRO B 171 27.53 26.58 39.37
C PRO B 171 27.61 27.10 37.94
N GLU B 172 28.10 28.33 37.75
CA GLU B 172 28.20 28.98 36.45
C GLU B 172 28.98 28.18 35.40
N LYS B 173 30.06 27.47 35.78
CA LYS B 173 30.85 26.63 34.87
C LYS B 173 30.02 25.47 34.30
N TRP B 174 29.05 24.93 35.07
CA TRP B 174 28.15 23.86 34.62
C TRP B 174 27.08 24.47 33.72
N ALA B 175 26.50 25.59 34.15
CA ALA B 175 25.48 26.33 33.40
C ALA B 175 26.01 26.71 32.00
N ARG B 176 27.31 27.12 31.91
CA ARG B 176 27.95 27.45 30.64
C ARG B 176 27.98 26.22 29.73
N PHE B 177 28.34 25.03 30.27
CA PHE B 177 28.40 23.76 29.56
C PHE B 177 27.05 23.38 28.98
N TYR B 178 25.99 23.32 29.84
CA TYR B 178 24.64 22.94 29.42
C TYR B 178 24.01 23.95 28.47
N THR B 179 24.23 25.26 28.69
CA THR B 179 23.71 26.30 27.77
C THR B 179 24.37 26.12 26.39
N ALA B 180 25.70 25.96 26.36
CA ALA B 180 26.47 25.75 25.13
C ALA B 180 26.00 24.52 24.34
N GLU B 181 25.72 23.38 25.03
CA GLU B 181 25.24 22.15 24.41
C GLU B 181 23.83 22.30 23.87
N VAL B 182 23.00 23.11 24.56
CA VAL B 182 21.63 23.42 24.14
C VAL B 182 21.69 24.25 22.87
N VAL B 183 22.60 25.25 22.82
CA VAL B 183 22.82 26.12 21.67
C VAL B 183 23.19 25.27 20.45
N LEU B 184 24.12 24.32 20.62
CA LEU B 184 24.56 23.41 19.55
C LEU B 184 23.45 22.46 19.12
N ALA B 185 22.69 21.95 20.11
CA ALA B 185 21.57 21.04 19.89
C ALA B 185 20.44 21.70 19.11
N LEU B 186 20.06 22.94 19.48
CA LEU B 186 19.01 23.69 18.79
C LEU B 186 19.43 24.07 17.40
N ASP B 187 20.72 24.37 17.20
CA ASP B 187 21.27 24.70 15.89
C ASP B 187 21.19 23.50 14.94
N ALA B 188 21.36 22.28 15.47
CA ALA B 188 21.24 21.05 14.67
C ALA B 188 19.79 20.88 14.18
N ILE B 189 18.81 21.21 15.05
CA ILE B 189 17.37 21.15 14.78
C ILE B 189 17.02 22.22 13.72
N HIS B 190 17.59 23.42 13.88
CA HIS B 190 17.36 24.57 12.99
C HIS B 190 17.86 24.26 11.60
N SER B 191 19.05 23.63 11.51
CA SER B 191 19.69 23.21 10.26
C SER B 191 18.82 22.20 9.49
N MET B 192 18.03 21.39 10.21
CA MET B 192 17.11 20.42 9.64
C MET B 192 15.82 21.08 9.13
N GLY B 193 15.64 22.36 9.45
CA GLY B 193 14.48 23.14 9.04
C GLY B 193 13.33 23.17 10.03
N PHE B 194 13.62 22.96 11.33
CA PHE B 194 12.59 22.98 12.39
C PHE B 194 12.84 24.01 13.47
N ILE B 195 11.74 24.51 14.07
CA ILE B 195 11.74 25.40 15.23
C ILE B 195 11.16 24.54 16.39
N HIS B 196 11.85 24.51 17.54
CA HIS B 196 11.40 23.71 18.70
C HIS B 196 10.11 24.29 19.32
N ARG B 197 10.13 25.59 19.64
CA ARG B 197 9.04 26.41 20.20
C ARG B 197 8.77 26.21 21.71
N ASP B 198 9.28 25.13 22.32
CA ASP B 198 9.08 24.87 23.76
C ASP B 198 10.27 24.16 24.38
N VAL B 199 11.46 24.76 24.23
CA VAL B 199 12.74 24.29 24.78
C VAL B 199 12.67 24.47 26.30
N LYS B 200 12.81 23.37 27.03
CA LYS B 200 12.79 23.38 28.49
C LYS B 200 13.62 22.25 29.07
N PRO B 201 13.99 22.31 30.36
CA PRO B 201 14.78 21.22 30.97
C PRO B 201 14.16 19.83 30.87
N ASP B 202 12.82 19.75 30.71
CA ASP B 202 12.02 18.52 30.57
C ASP B 202 12.40 17.76 29.29
N ASN B 203 12.85 18.51 28.26
CA ASN B 203 13.27 18.10 26.91
C ASN B 203 14.74 17.77 26.80
N MET B 204 15.52 18.17 27.76
CA MET B 204 16.97 18.09 27.74
C MET B 204 17.40 16.88 28.54
N LEU B 205 17.72 15.77 27.85
CA LEU B 205 18.11 14.49 28.45
C LEU B 205 19.62 14.32 28.44
N LEU B 206 20.14 13.49 29.34
CA LEU B 206 21.58 13.23 29.45
C LEU B 206 21.90 11.76 29.20
N ASP B 207 22.86 11.49 28.30
CA ASP B 207 23.29 10.12 27.98
C ASP B 207 24.20 9.53 29.07
N LYS B 208 24.70 8.29 28.89
CA LYS B 208 25.56 7.60 29.86
C LYS B 208 26.86 8.35 30.21
N SER B 209 27.25 9.36 29.40
CA SER B 209 28.45 10.17 29.61
C SER B 209 28.14 11.54 30.23
N GLY B 210 26.86 11.89 30.29
CA GLY B 210 26.43 13.17 30.84
C GLY B 210 26.31 14.28 29.82
N HIS B 211 26.30 13.92 28.52
CA HIS B 211 26.17 14.86 27.42
C HIS B 211 24.74 14.94 26.98
N LEU B 212 24.32 16.15 26.62
CA LEU B 212 22.94 16.47 26.26
C LEU B 212 22.49 15.94 24.90
N LYS B 213 21.19 15.60 24.85
CA LYS B 213 20.40 15.19 23.69
C LYS B 213 19.01 15.71 23.93
N LEU B 214 18.42 16.33 22.89
CA LEU B 214 17.06 16.84 22.98
C LEU B 214 16.09 15.73 22.64
N ALA B 215 14.92 15.74 23.28
CA ALA B 215 13.82 14.79 23.08
C ALA B 215 12.51 15.51 23.37
N ASP B 216 11.36 14.84 23.10
CA ASP B 216 10.00 15.37 23.24
C ASP B 216 9.83 16.56 22.27
N PHE B 217 9.54 16.27 21.00
CA PHE B 217 9.43 17.28 19.96
C PHE B 217 7.99 17.57 19.51
N GLY B 218 7.05 17.42 20.45
CA GLY B 218 5.61 17.62 20.25
C GLY B 218 5.15 19.03 19.91
N THR B 219 6.05 20.02 20.02
CA THR B 219 5.74 21.42 19.69
C THR B 219 6.50 21.89 18.45
N CYS B 220 7.35 21.00 17.92
CA CYS B 220 8.19 21.28 16.76
C CYS B 220 7.41 21.52 15.50
N MET B 221 7.93 22.39 14.63
CA MET B 221 7.30 22.72 13.36
C MET B 221 8.33 23.02 12.29
N LYS B 222 8.05 22.61 11.03
CA LYS B 222 8.90 22.83 9.88
C LYS B 222 8.77 24.28 9.43
N MET B 223 9.93 24.94 9.27
CA MET B 223 10.02 26.33 8.82
C MET B 223 9.64 26.45 7.36
N ASN B 224 9.14 27.63 6.96
CA ASN B 224 8.78 27.90 5.58
C ASN B 224 10.01 28.44 4.82
N LYS B 225 9.82 28.81 3.53
CA LYS B 225 10.82 29.35 2.59
C LYS B 225 11.69 30.45 3.26
N GLU B 226 11.05 31.35 4.02
CA GLU B 226 11.67 32.48 4.71
C GLU B 226 12.19 32.13 6.13
N GLY B 227 12.14 30.84 6.47
CA GLY B 227 12.56 30.33 7.78
C GLY B 227 11.61 30.74 8.88
N MET B 228 10.30 30.78 8.57
CA MET B 228 9.22 31.22 9.45
C MET B 228 8.18 30.14 9.74
N VAL B 229 7.44 30.29 10.85
CA VAL B 229 6.38 29.39 11.31
C VAL B 229 5.15 30.18 11.77
N ARG B 230 3.95 29.67 11.45
CA ARG B 230 2.66 30.25 11.81
C ARG B 230 1.82 29.15 12.48
N CYS B 231 1.27 29.43 13.67
CA CYS B 231 0.47 28.45 14.41
C CYS B 231 -0.72 29.10 15.13
N ASP B 232 -1.80 28.33 15.33
CA ASP B 232 -3.02 28.78 15.99
C ASP B 232 -3.23 28.14 17.36
N THR B 237 1.80 24.94 29.24
CA THR B 237 2.40 25.81 30.26
C THR B 237 3.27 26.88 29.58
N PRO B 238 3.16 28.18 29.95
CA PRO B 238 3.91 29.21 29.19
C PRO B 238 5.32 29.56 29.64
N ASP B 239 5.76 29.05 30.80
CA ASP B 239 7.03 29.35 31.48
C ASP B 239 8.28 29.60 30.59
N TYR B 240 8.50 28.76 29.56
CA TYR B 240 9.69 28.88 28.69
C TYR B 240 9.35 29.38 27.28
N ILE B 241 8.06 29.70 27.03
CA ILE B 241 7.61 30.13 25.70
C ILE B 241 7.81 31.65 25.53
N SER B 242 8.35 32.05 24.37
CA SER B 242 8.67 33.41 23.96
C SER B 242 7.40 34.24 23.72
N PRO B 243 7.46 35.60 23.78
CA PRO B 243 6.26 36.38 23.51
C PRO B 243 5.57 36.09 22.16
N GLU B 244 6.34 35.93 21.05
CA GLU B 244 5.81 35.63 19.70
C GLU B 244 4.96 34.40 19.58
N VAL B 245 5.39 33.29 20.19
CA VAL B 245 4.65 32.03 20.15
C VAL B 245 3.35 32.19 20.97
N LEU B 246 3.40 32.96 22.08
CA LEU B 246 2.24 33.22 22.93
C LEU B 246 1.28 34.23 22.30
N LYS B 247 1.79 35.14 21.44
CA LYS B 247 0.99 36.17 20.76
C LYS B 247 0.20 35.54 19.62
N SER B 248 0.68 34.40 19.10
CA SER B 248 0.08 33.64 18.01
C SER B 248 -0.96 32.61 18.52
N GLN B 249 -2.04 33.10 19.16
CA GLN B 249 -3.14 32.27 19.67
C GLN B 249 -4.37 32.37 18.73
N GLY B 250 -4.12 32.00 17.47
CA GLY B 250 -5.13 32.02 16.41
C GLY B 250 -4.56 32.19 15.01
N GLY B 251 -3.25 31.97 14.86
CA GLY B 251 -2.56 32.11 13.59
C GLY B 251 -2.13 33.52 13.23
N ASP B 252 -2.47 34.50 14.09
CA ASP B 252 -2.10 35.91 13.90
C ASP B 252 -0.66 36.15 14.41
N GLY B 253 0.30 35.49 13.75
CA GLY B 253 1.71 35.58 14.09
C GLY B 253 2.64 34.70 13.27
N TYR B 254 3.68 35.35 12.73
CA TYR B 254 4.76 34.73 11.97
C TYR B 254 6.04 35.01 12.72
N TYR B 255 6.74 33.95 13.11
CA TYR B 255 7.98 34.01 13.88
C TYR B 255 9.01 33.02 13.36
N GLY B 256 10.26 33.31 13.65
CA GLY B 256 11.39 32.48 13.26
C GLY B 256 12.02 31.74 14.43
N ARG B 257 13.16 31.11 14.16
CA ARG B 257 13.96 30.30 15.10
C ARG B 257 14.45 31.05 16.34
N GLU B 258 14.41 32.40 16.33
CA GLU B 258 14.82 33.25 17.45
C GLU B 258 13.95 33.08 18.70
N CYS B 259 12.81 32.35 18.59
CA CYS B 259 11.94 32.08 19.74
C CYS B 259 12.58 31.02 20.64
N ASP B 260 13.39 30.12 20.06
CA ASP B 260 14.12 29.10 20.78
C ASP B 260 15.27 29.71 21.59
N TRP B 261 15.81 30.85 21.12
CA TRP B 261 16.90 31.54 21.82
C TRP B 261 16.42 32.19 23.09
N TRP B 262 15.15 32.65 23.11
CA TRP B 262 14.49 33.24 24.28
C TRP B 262 14.47 32.19 25.40
N SER B 263 14.04 30.95 25.06
CA SER B 263 13.94 29.81 25.97
C SER B 263 15.28 29.43 26.60
N VAL B 264 16.39 29.62 25.85
CA VAL B 264 17.74 29.38 26.36
C VAL B 264 18.02 30.39 27.47
N GLY B 265 17.58 31.64 27.26
CA GLY B 265 17.68 32.71 28.24
C GLY B 265 16.94 32.36 29.50
N VAL B 266 15.74 31.78 29.36
CA VAL B 266 14.89 31.34 30.48
C VAL B 266 15.58 30.20 31.26
N PHE B 267 16.17 29.23 30.53
CA PHE B 267 16.89 28.07 31.06
C PHE B 267 18.14 28.48 31.82
N LEU B 268 18.95 29.41 31.26
CA LEU B 268 20.16 29.93 31.91
C LEU B 268 19.75 30.62 33.21
N TYR B 269 18.73 31.51 33.16
CA TYR B 269 18.18 32.20 34.34
C TYR B 269 17.79 31.18 35.41
N GLU B 270 16.99 30.16 35.02
CA GLU B 270 16.56 29.11 35.94
C GLU B 270 17.72 28.41 36.65
N MET B 271 18.77 28.02 35.90
CA MET B 271 19.95 27.33 36.43
C MET B 271 20.70 28.15 37.48
N LEU B 272 20.91 29.45 37.22
CA LEU B 272 21.66 30.35 38.10
C LEU B 272 20.85 31.00 39.23
N VAL B 273 19.55 31.21 39.03
CA VAL B 273 18.68 31.84 40.04
C VAL B 273 17.92 30.81 40.89
N GLY B 274 17.52 29.68 40.30
CA GLY B 274 16.78 28.64 40.99
C GLY B 274 15.30 28.64 40.66
N ASP B 275 14.82 29.68 39.94
CA ASP B 275 13.43 29.86 39.51
C ASP B 275 13.40 30.41 38.11
N THR B 276 12.25 30.21 37.40
CA THR B 276 12.06 30.75 36.05
C THR B 276 11.82 32.27 36.19
N PRO B 277 12.27 33.11 35.23
CA PRO B 277 12.16 34.56 35.42
C PRO B 277 10.74 35.12 35.46
N PHE B 278 9.78 34.45 34.80
CA PHE B 278 8.40 34.93 34.69
C PHE B 278 7.38 34.00 35.36
N TYR B 279 7.85 33.26 36.38
CA TYR B 279 7.00 32.37 37.15
C TYR B 279 5.93 33.15 37.94
N ALA B 280 4.70 32.61 37.96
CA ALA B 280 3.57 33.12 38.72
C ALA B 280 2.76 31.94 39.25
N ASP B 281 1.97 32.17 40.30
CA ASP B 281 1.11 31.17 40.96
C ASP B 281 0.04 30.55 40.02
N SER B 282 -0.23 31.20 38.89
CA SER B 282 -1.20 30.75 37.90
C SER B 282 -0.63 30.90 36.50
N LEU B 283 -1.10 30.08 35.56
CA LEU B 283 -0.68 30.05 34.15
C LEU B 283 -0.89 31.41 33.48
N VAL B 284 -2.07 32.02 33.69
CA VAL B 284 -2.44 33.32 33.13
C VAL B 284 -1.51 34.44 33.60
N GLY B 285 -1.04 34.36 34.85
CA GLY B 285 -0.11 35.32 35.43
C GLY B 285 1.30 35.19 34.88
N THR B 286 1.69 33.96 34.46
CA THR B 286 3.00 33.67 33.86
C THR B 286 3.01 34.30 32.46
N TYR B 287 1.85 34.21 31.75
CA TYR B 287 1.60 34.79 30.42
C TYR B 287 1.82 36.31 30.49
N SER B 288 1.15 36.97 31.47
CA SER B 288 1.20 38.41 31.74
C SER B 288 2.62 38.92 31.98
N LYS B 289 3.41 38.14 32.72
CA LYS B 289 4.80 38.48 33.05
C LYS B 289 5.69 38.35 31.83
N ILE B 290 5.46 37.36 30.94
CA ILE B 290 6.24 37.17 29.72
C ILE B 290 6.00 38.36 28.79
N MET B 291 4.72 38.77 28.60
CA MET B 291 4.31 39.91 27.78
C MET B 291 4.88 41.22 28.31
N ASN B 292 5.05 41.32 29.65
CA ASN B 292 5.62 42.49 30.31
C ASN B 292 7.08 42.19 30.77
N HIS B 293 7.83 41.40 29.96
CA HIS B 293 9.22 41.04 30.27
C HIS B 293 10.15 42.25 30.51
N LYS B 294 9.90 43.37 29.81
CA LYS B 294 10.66 44.62 29.91
C LYS B 294 10.68 45.18 31.33
N ASN B 295 9.62 44.90 32.13
CA ASN B 295 9.49 45.35 33.51
C ASN B 295 9.50 44.23 34.53
N SER B 296 9.10 43.00 34.14
CA SER B 296 9.04 41.86 35.05
C SER B 296 10.39 41.12 35.23
N LEU B 297 11.35 41.24 34.28
CA LEU B 297 12.66 40.59 34.40
C LEU B 297 13.50 41.34 35.44
N THR B 298 13.80 40.65 36.54
CA THR B 298 14.63 41.17 37.63
C THR B 298 15.58 40.06 38.10
N PHE B 299 16.70 40.46 38.73
CA PHE B 299 17.68 39.52 39.26
C PHE B 299 17.74 39.75 40.76
N PRO B 300 17.85 38.68 41.58
CA PRO B 300 17.93 38.90 43.03
C PRO B 300 19.22 39.63 43.46
N ASP B 301 19.23 40.21 44.67
CA ASP B 301 20.38 40.95 45.21
C ASP B 301 21.58 40.04 45.66
N ASP B 302 21.59 38.74 45.27
CA ASP B 302 22.71 37.85 45.55
C ASP B 302 23.69 37.97 44.37
N ASN B 303 24.81 38.69 44.62
CA ASN B 303 25.96 39.01 43.74
C ASN B 303 26.53 37.81 42.92
N ASP B 304 25.99 36.58 43.13
CA ASP B 304 26.41 35.31 42.55
C ASP B 304 26.39 35.26 41.03
N ILE B 305 25.46 35.96 40.35
CA ILE B 305 25.41 35.95 38.89
C ILE B 305 26.43 36.94 38.32
N SER B 306 27.32 36.46 37.43
CA SER B 306 28.35 37.30 36.82
C SER B 306 27.76 38.30 35.83
N LYS B 307 28.56 39.36 35.52
CA LYS B 307 28.21 40.42 34.58
C LYS B 307 27.86 39.81 33.21
N GLU B 308 28.67 38.82 32.76
CA GLU B 308 28.52 38.11 31.48
C GLU B 308 27.29 37.20 31.41
N ALA B 309 26.93 36.56 32.54
CA ALA B 309 25.73 35.69 32.60
C ALA B 309 24.47 36.54 32.56
N LYS B 310 24.47 37.72 33.26
CA LYS B 310 23.38 38.70 33.29
C LYS B 310 23.17 39.27 31.90
N ASN B 311 24.28 39.63 31.19
CA ASN B 311 24.28 40.17 29.82
C ASN B 311 23.62 39.22 28.83
N LEU B 312 23.96 37.90 28.89
CA LEU B 312 23.40 36.85 28.02
C LEU B 312 21.90 36.70 28.27
N ILE B 313 21.49 36.48 29.54
CA ILE B 313 20.09 36.34 29.93
C ILE B 313 19.30 37.53 29.35
N CYS B 314 19.78 38.77 29.55
CA CYS B 314 19.14 39.98 29.04
C CYS B 314 19.17 40.10 27.53
N ALA B 315 20.26 39.62 26.87
CA ALA B 315 20.40 39.63 25.40
C ALA B 315 19.39 38.68 24.75
N PHE B 316 19.01 37.61 25.45
CA PHE B 316 18.04 36.61 25.01
C PHE B 316 16.62 36.98 25.43
N LEU B 317 16.45 37.52 26.64
CA LEU B 317 15.13 37.87 27.20
C LEU B 317 14.66 39.28 26.83
N THR B 318 14.59 39.52 25.51
CA THR B 318 14.19 40.79 24.90
C THR B 318 13.26 40.54 23.68
N ASP B 319 12.75 41.61 23.04
CA ASP B 319 11.87 41.49 21.87
C ASP B 319 12.67 40.94 20.70
N ARG B 320 12.06 39.99 19.96
CA ARG B 320 12.67 39.23 18.87
C ARG B 320 13.49 40.09 17.88
N GLU B 321 13.09 41.35 17.65
CA GLU B 321 13.75 42.29 16.73
C GLU B 321 15.16 42.75 17.18
N VAL B 322 15.49 42.62 18.49
CA VAL B 322 16.81 43.00 19.04
C VAL B 322 17.47 41.84 19.82
N ARG B 323 16.88 40.64 19.72
CA ARG B 323 17.33 39.44 20.42
C ARG B 323 18.61 38.84 19.86
N LEU B 324 19.53 38.41 20.76
CA LEU B 324 20.77 37.75 20.38
C LEU B 324 20.41 36.40 19.73
N GLY B 325 20.80 36.24 18.47
CA GLY B 325 20.48 35.07 17.67
C GLY B 325 19.72 35.41 16.40
N ARG B 326 19.26 36.68 16.27
CA ARG B 326 18.54 37.19 15.10
C ARG B 326 19.41 37.15 13.84
N ASN B 327 20.74 37.29 14.02
CA ASN B 327 21.75 37.30 12.96
C ASN B 327 22.46 35.94 12.78
N GLY B 328 22.09 34.95 13.59
CA GLY B 328 22.64 33.60 13.55
C GLY B 328 23.22 33.10 14.86
N VAL B 329 23.79 31.87 14.85
CA VAL B 329 24.41 31.24 16.01
C VAL B 329 25.75 31.84 16.39
N GLU B 330 26.56 32.26 15.41
CA GLU B 330 27.90 32.78 15.70
C GLU B 330 27.90 33.98 16.63
N GLU B 331 26.84 34.84 16.59
CA GLU B 331 26.78 35.96 17.53
C GLU B 331 26.52 35.47 18.96
N ILE B 332 25.84 34.30 19.12
CA ILE B 332 25.59 33.66 20.43
C ILE B 332 26.91 33.04 20.92
N LYS B 333 27.54 32.22 20.05
CA LYS B 333 28.80 31.52 20.30
C LYS B 333 29.95 32.45 20.71
N ARG B 334 30.02 33.66 20.12
CA ARG B 334 31.02 34.68 20.40
C ARG B 334 30.74 35.47 21.70
N HIS B 335 29.59 35.23 22.38
CA HIS B 335 29.28 35.96 23.62
C HIS B 335 30.31 35.68 24.67
N LEU B 336 30.74 36.74 25.38
CA LEU B 336 31.76 36.65 26.42
C LEU B 336 31.43 35.68 27.56
N PHE B 337 30.14 35.30 27.71
CA PHE B 337 29.73 34.34 28.73
C PHE B 337 30.38 32.97 28.48
N PHE B 338 30.52 32.58 27.21
CA PHE B 338 31.09 31.29 26.83
C PHE B 338 32.62 31.27 26.81
N LYS B 339 33.29 32.40 27.14
CA LYS B 339 34.76 32.46 27.18
C LYS B 339 35.27 31.58 28.32
N ASN B 340 36.02 30.52 27.98
CA ASN B 340 36.55 29.58 28.96
C ASN B 340 37.84 28.86 28.49
N ASP B 341 38.43 28.05 29.40
CA ASP B 341 39.67 27.29 29.19
C ASP B 341 39.49 25.78 29.34
N GLN B 342 38.23 25.31 29.39
CA GLN B 342 37.93 23.89 29.55
C GLN B 342 37.54 23.23 28.22
N TRP B 343 36.81 23.94 27.35
CA TRP B 343 36.33 23.41 26.07
C TRP B 343 36.29 24.43 24.93
N ALA B 344 36.02 23.93 23.71
CA ALA B 344 35.84 24.68 22.48
C ALA B 344 34.55 24.17 21.82
N TRP B 345 33.78 25.07 21.17
CA TRP B 345 32.50 24.75 20.53
C TRP B 345 32.51 23.50 19.63
N GLU B 346 33.55 23.35 18.81
CA GLU B 346 33.69 22.25 17.86
C GLU B 346 34.04 20.91 18.50
N THR B 347 34.63 20.93 19.71
CA THR B 347 35.09 19.73 20.40
C THR B 347 34.39 19.52 21.78
N LEU B 348 33.32 20.31 22.08
CA LEU B 348 32.58 20.30 23.35
C LEU B 348 32.04 18.94 23.78
N ARG B 349 31.38 18.20 22.87
CA ARG B 349 30.81 16.89 23.21
C ARG B 349 31.86 15.78 23.44
N ASP B 350 33.15 16.11 23.24
CA ASP B 350 34.25 15.18 23.45
C ASP B 350 34.90 15.39 24.81
N THR B 351 34.57 16.52 25.47
CA THR B 351 35.11 16.87 26.80
C THR B 351 34.36 16.11 27.89
N VAL B 352 34.94 16.01 29.10
CA VAL B 352 34.32 15.31 30.23
C VAL B 352 33.22 16.22 30.83
N ALA B 353 31.97 15.71 30.81
CA ALA B 353 30.77 16.41 31.26
C ALA B 353 30.80 16.72 32.76
N PRO B 354 30.17 17.83 33.23
CA PRO B 354 30.22 18.16 34.66
C PRO B 354 29.67 17.11 35.61
N VAL B 355 28.66 16.34 35.18
CA VAL B 355 28.06 15.24 35.95
C VAL B 355 28.04 13.98 35.08
N VAL B 356 28.91 13.03 35.38
CA VAL B 356 28.98 11.76 34.63
C VAL B 356 28.14 10.75 35.43
N PRO B 357 26.98 10.30 34.91
CA PRO B 357 26.14 9.34 35.68
C PRO B 357 26.84 8.05 36.10
N ASP B 358 26.58 7.58 37.33
CA ASP B 358 27.10 6.33 37.86
C ASP B 358 25.94 5.36 37.84
N LEU B 359 25.98 4.41 36.89
CA LEU B 359 24.90 3.45 36.64
C LEU B 359 25.24 2.01 37.01
N SER B 360 24.31 1.33 37.69
CA SER B 360 24.44 -0.05 38.16
C SER B 360 24.24 -1.09 37.07
N SER B 361 23.32 -0.83 36.12
CA SER B 361 23.01 -1.75 35.01
C SER B 361 22.48 -1.00 33.79
N ASP B 362 22.20 -1.75 32.69
CA ASP B 362 21.64 -1.23 31.45
C ASP B 362 20.17 -0.82 31.63
N ILE B 363 19.51 -1.28 32.73
CA ILE B 363 18.12 -0.98 33.05
C ILE B 363 18.00 -0.10 34.34
N ASP B 364 19.06 0.68 34.64
CA ASP B 364 19.10 1.61 35.78
C ASP B 364 18.20 2.82 35.49
N THR B 365 17.26 3.11 36.42
CA THR B 365 16.32 4.24 36.29
C THR B 365 16.41 5.22 37.48
N SER B 366 17.56 5.23 38.21
CA SER B 366 17.79 6.07 39.38
C SER B 366 17.67 7.59 39.13
N ASN B 367 17.83 8.05 37.87
CA ASN B 367 17.73 9.46 37.48
C ASN B 367 16.34 9.81 36.94
N PHE B 368 15.38 8.89 37.13
CA PHE B 368 13.97 9.05 36.73
C PHE B 368 13.06 8.85 37.95
N ASP B 369 12.18 9.83 38.23
CA ASP B 369 11.25 9.78 39.36
C ASP B 369 10.27 8.63 39.23
N ASP B 370 9.90 8.01 40.37
CA ASP B 370 8.95 6.89 40.40
C ASP B 370 7.54 7.44 40.17
N LEU B 371 6.82 6.90 39.18
CA LEU B 371 5.49 7.43 38.89
C LEU B 371 4.35 6.66 39.54
N GLU B 372 3.31 7.42 40.01
CA GLU B 372 2.10 6.90 40.66
C GLU B 372 1.35 5.96 39.71
N GLU B 373 1.17 4.70 40.14
CA GLU B 373 0.54 3.60 39.40
C GLU B 373 -0.77 3.97 38.68
N ASP B 374 -0.93 3.42 37.46
CA ASP B 374 -2.10 3.59 36.59
C ASP B 374 -2.24 2.31 35.75
N LYS B 375 -3.27 1.48 36.06
CA LYS B 375 -3.51 0.19 35.39
C LYS B 375 -5.01 -0.12 35.17
N GLY B 376 -5.29 -1.15 34.36
CA GLY B 376 -6.64 -1.60 34.03
C GLY B 376 -6.86 -1.91 32.56
N GLU B 377 -8.08 -1.68 32.05
CA GLU B 377 -8.48 -1.91 30.65
C GLU B 377 -9.37 -0.74 30.12
N GLU B 378 -10.13 -0.97 29.01
CA GLU B 378 -11.08 -0.02 28.37
C GLU B 378 -10.45 1.35 27.95
N GLU B 379 -11.27 2.45 27.93
CA GLU B 379 -11.00 3.83 27.49
C GLU B 379 -10.91 3.88 25.93
N THR B 380 -11.75 3.06 25.26
CA THR B 380 -11.81 2.85 23.81
C THR B 380 -12.97 3.55 23.07
N PHE B 381 -12.77 3.74 21.75
CA PHE B 381 -13.70 4.34 20.78
C PHE B 381 -15.04 3.57 20.70
N PRO B 382 -16.17 4.28 20.48
CA PRO B 382 -17.45 3.56 20.33
C PRO B 382 -17.57 2.87 18.96
N ILE B 383 -18.48 1.88 18.84
CA ILE B 383 -18.69 1.14 17.59
C ILE B 383 -19.40 2.07 16.58
N PRO B 384 -18.76 2.40 15.43
CA PRO B 384 -19.40 3.33 14.48
C PRO B 384 -20.54 2.72 13.66
N LYS B 385 -21.54 3.56 13.37
CA LYS B 385 -22.71 3.19 12.58
C LYS B 385 -22.44 3.44 11.08
N ALA B 386 -21.47 4.34 10.79
CA ALA B 386 -21.01 4.72 9.46
C ALA B 386 -19.47 4.84 9.46
N PHE B 387 -18.85 5.08 8.29
CA PHE B 387 -17.40 5.24 8.22
C PHE B 387 -16.98 6.56 8.86
N VAL B 388 -16.08 6.51 9.85
CA VAL B 388 -15.58 7.69 10.56
C VAL B 388 -14.09 7.92 10.29
N GLY B 389 -13.36 6.82 10.03
CA GLY B 389 -11.94 6.83 9.69
C GLY B 389 -11.00 7.31 10.77
N ASN B 390 -11.22 6.87 12.02
CA ASN B 390 -10.38 7.24 13.18
C ASN B 390 -8.90 6.83 13.05
N GLN B 391 -8.58 5.85 12.20
CA GLN B 391 -7.21 5.37 12.01
C GLN B 391 -6.46 6.11 10.89
N LEU B 392 -7.17 6.87 10.02
CA LEU B 392 -6.64 7.66 8.90
C LEU B 392 -5.55 8.68 9.30
N PRO B 393 -5.70 9.52 10.35
CA PRO B 393 -4.62 10.48 10.69
C PRO B 393 -3.30 9.84 11.16
N PHE B 394 -3.24 8.50 11.34
CA PHE B 394 -2.03 7.82 11.80
C PHE B 394 -1.31 6.98 10.72
N VAL B 395 -1.88 6.93 9.50
CA VAL B 395 -1.32 6.19 8.35
C VAL B 395 0.01 6.80 7.95
N GLY B 396 1.05 5.97 7.92
CA GLY B 396 2.40 6.39 7.54
C GLY B 396 3.32 6.66 8.70
N PHE B 397 2.86 6.38 9.93
CA PHE B 397 3.66 6.59 11.14
C PHE B 397 4.76 5.52 11.32
N THR B 398 4.50 4.27 10.85
CA THR B 398 5.44 3.16 10.94
C THR B 398 6.78 3.50 10.26
N TYR B 399 7.90 3.15 10.94
CA TYR B 399 9.27 3.34 10.52
C TYR B 399 10.12 2.23 11.12
N TYR B 400 11.04 1.66 10.31
CA TYR B 400 12.00 0.63 10.74
C TYR B 400 13.38 1.01 10.26
N SER B 401 14.35 1.07 11.19
CA SER B 401 15.74 1.36 10.87
C SER B 401 16.40 0.09 10.33
N ASN B 402 17.50 0.25 9.57
CA ASN B 402 18.26 -0.87 9.01
C ASN B 402 19.50 -1.14 9.87
#